data_6DFN
#
_entry.id   6DFN
#
_cell.length_a   53.089
_cell.length_b   59.134
_cell.length_c   94.180
_cell.angle_alpha   86.05
_cell.angle_beta   74.92
_cell.angle_gamma   63.34
#
_symmetry.space_group_name_H-M   'P 1'
#
loop_
_entity.id
_entity.type
_entity.pdbx_description
1 polymer 'Estrogen receptor'
2 non-polymer (2S)-3-(3-hydroxyphenyl)-2-(4-iodophenyl)-4-methyl-2H-1-benzopyran-6-ol
3 non-polymer 'NICKEL (II) ION'
4 non-polymer (8S)-8-(4-{2-[3-(fluoromethyl)azetidin-1-yl]ethoxy}phenyl)-1,8-dihydro-2H-[1]benzopyrano[4,3-d][1]benzoxepine-5,11-diol
5 non-polymer GLYCEROL
6 water water
#
_entity_poly.entity_id   1
_entity_poly.type   'polypeptide(L)'
_entity_poly.pdbx_seq_one_letter_code
;MHHHHHHSSGVDLGTENLYFQSNAIKRSKKNSLALSLTADQMVSALLDAEPPILYSEYDPTRPFSEASMMGLLTNLADRE
LVHMINWAKRVPGFVDLTSHDQVHLLECAWLEILMIGLVWRSMEHPGKLLFAPNLLLDRNQGKCVEGMVEIFDMLLATSS
RFRMMNLQGEEFVCLKSIILLNSGVYTFLSSTLKSLEEKDHIHRVLDKITDTLIHLMAKAGLTLQQQHQRLAQLLLILSH
IRHMSNKGMEHLYSMKCKNVVPSYDLLLEMLDAHRLHAPT
;
_entity_poly.pdbx_strand_id   A,B,C,D
#
loop_
_chem_comp.id
_chem_comp.type
_chem_comp.name
_chem_comp.formula
G91 non-polymer (8S)-8-(4-{2-[3-(fluoromethyl)azetidin-1-yl]ethoxy}phenyl)-1,8-dihydro-2H-[1]benzopyrano[4,3-d][1]benzoxepine-5,11-diol 'C29 H28 F N O5'
G9J non-polymer (2S)-3-(3-hydroxyphenyl)-2-(4-iodophenyl)-4-methyl-2H-1-benzopyran-6-ol 'C22 H17 I O3'
GOL non-polymer GLYCEROL 'C3 H8 O3'
NI non-polymer 'NICKEL (II) ION' 'Ni 2'
#
# COMPACT_ATOMS: atom_id res chain seq x y z
N LEU A 33 7.79 25.12 -17.47
CA LEU A 33 7.86 25.70 -18.85
C LEU A 33 7.68 24.66 -19.98
N ALA A 34 7.11 23.50 -19.66
CA ALA A 34 6.93 22.41 -20.63
C ALA A 34 5.90 22.70 -21.71
N LEU A 35 4.88 23.51 -21.40
CA LEU A 35 3.84 23.87 -22.37
C LEU A 35 4.30 24.93 -23.38
N SER A 36 5.37 25.64 -23.06
CA SER A 36 5.95 26.66 -23.95
C SER A 36 7.04 26.14 -24.88
N LEU A 37 7.46 24.88 -24.71
CA LEU A 37 8.53 24.31 -25.55
C LEU A 37 8.04 24.06 -26.97
N THR A 38 8.93 24.19 -27.94
CA THR A 38 8.67 23.79 -29.32
C THR A 38 8.87 22.27 -29.46
N ALA A 39 8.51 21.72 -30.61
CA ALA A 39 8.69 20.29 -30.89
C ALA A 39 10.17 19.88 -30.82
N ASP A 40 11.04 20.71 -31.40
CA ASP A 40 12.49 20.47 -31.38
C ASP A 40 13.11 20.57 -29.97
N GLN A 41 12.60 21.49 -29.16
CA GLN A 41 13.05 21.63 -27.77
C GLN A 41 12.59 20.48 -26.89
N MET A 42 11.41 19.93 -27.16
CA MET A 42 10.91 18.75 -26.48
C MET A 42 11.83 17.56 -26.76
N VAL A 43 12.17 17.37 -28.04
CA VAL A 43 13.03 16.25 -28.47
C VAL A 43 14.41 16.36 -27.82
N SER A 44 15.02 17.55 -27.91
CA SER A 44 16.33 17.82 -27.33
C SER A 44 16.40 17.52 -25.83
N ALA A 45 15.37 17.93 -25.10
CA ALA A 45 15.28 17.68 -23.67
C ALA A 45 15.10 16.19 -23.34
N LEU A 46 14.26 15.48 -24.11
CA LEU A 46 14.08 14.03 -23.90
C LEU A 46 15.34 13.22 -24.25
N LEU A 47 16.02 13.62 -25.32
CA LEU A 47 17.30 13.01 -25.70
C LEU A 47 18.39 13.24 -24.66
N ASP A 48 18.46 14.46 -24.12
CA ASP A 48 19.38 14.78 -23.00
C ASP A 48 19.07 14.02 -21.71
N ALA A 49 17.79 13.75 -21.43
CA ALA A 49 17.36 13.00 -20.25
C ALA A 49 17.64 11.51 -20.31
N GLU A 50 17.85 10.98 -21.51
CA GLU A 50 18.01 9.54 -21.74
C GLU A 50 19.05 8.90 -20.80
N PRO A 51 18.66 7.83 -20.06
CA PRO A 51 19.62 7.20 -19.15
C PRO A 51 20.67 6.38 -19.88
N PRO A 52 21.79 6.05 -19.20
CA PRO A 52 22.84 5.26 -19.82
C PRO A 52 22.48 3.77 -19.91
N ILE A 53 23.09 3.07 -20.86
CA ILE A 53 22.98 1.62 -20.94
C ILE A 53 23.95 1.02 -19.92
N LEU A 54 23.45 0.12 -19.08
CA LEU A 54 24.25 -0.50 -18.02
C LEU A 54 24.64 -1.94 -18.35
N TYR A 55 25.62 -2.45 -17.61
CA TYR A 55 26.12 -3.82 -17.74
C TYR A 55 25.63 -4.68 -16.58
N SER A 56 25.45 -5.97 -16.83
CA SER A 56 25.18 -6.94 -15.75
C SER A 56 26.49 -7.22 -15.00
N GLU A 57 26.37 -7.65 -13.75
CA GLU A 57 27.52 -8.12 -12.96
C GLU A 57 28.43 -9.05 -13.76
N TYR A 58 29.71 -8.69 -13.89
CA TYR A 58 30.64 -9.39 -14.79
C TYR A 58 30.90 -10.86 -14.40
N ASP A 59 31.11 -11.68 -15.44
CA ASP A 59 31.50 -13.11 -15.32
C ASP A 59 30.83 -13.89 -14.19
N PRO A 60 29.50 -14.07 -14.27
CA PRO A 60 28.80 -14.98 -13.38
C PRO A 60 28.95 -16.42 -13.88
N THR A 61 28.57 -17.38 -13.05
CA THR A 61 28.64 -18.79 -13.42
C THR A 61 27.76 -19.05 -14.64
N ARG A 62 28.36 -19.65 -15.68
CA ARG A 62 27.66 -20.03 -16.90
C ARG A 62 27.84 -21.54 -17.11
N PRO A 63 26.80 -22.29 -17.51
CA PRO A 63 25.46 -21.77 -17.80
C PRO A 63 24.62 -21.42 -16.55
N PHE A 64 23.41 -20.95 -16.84
CA PHE A 64 22.48 -20.36 -15.87
C PHE A 64 21.63 -21.41 -15.17
N SER A 65 21.36 -21.15 -13.88
CA SER A 65 20.26 -21.78 -13.15
C SER A 65 19.12 -20.76 -13.04
N GLU A 66 17.91 -21.25 -12.75
CA GLU A 66 16.73 -20.37 -12.58
C GLU A 66 16.92 -19.18 -11.61
N ALA A 67 17.59 -19.44 -10.47
CA ALA A 67 17.87 -18.42 -9.46
C ALA A 67 18.96 -17.45 -9.90
N SER A 68 20.05 -17.99 -10.42
CA SER A 68 21.21 -17.18 -10.84
C SER A 68 20.85 -16.20 -11.95
N MET A 69 20.04 -16.64 -12.90
CA MET A 69 19.59 -15.77 -13.99
C MET A 69 18.66 -14.68 -13.47
N MET A 70 17.74 -15.05 -12.57
CA MET A 70 16.82 -14.08 -11.95
C MET A 70 17.56 -13.08 -11.05
N GLY A 71 18.60 -13.54 -10.36
CA GLY A 71 19.45 -12.68 -9.55
C GLY A 71 20.17 -11.60 -10.34
N LEU A 72 20.76 -11.99 -11.48
CA LEU A 72 21.46 -11.06 -12.37
C LEU A 72 20.50 -10.07 -13.04
N LEU A 73 19.33 -10.55 -13.45
CA LEU A 73 18.31 -9.69 -14.05
C LEU A 73 17.72 -8.72 -13.04
N THR A 74 17.50 -9.20 -11.81
CA THR A 74 16.98 -8.36 -10.72
C THR A 74 17.97 -7.28 -10.29
N ASN A 75 19.25 -7.65 -10.21
CA ASN A 75 20.32 -6.69 -9.92
C ASN A 75 20.37 -5.57 -10.97
N LEU A 76 20.28 -5.97 -12.24
CA LEU A 76 20.27 -5.04 -13.38
C LEU A 76 19.05 -4.12 -13.35
N ALA A 77 17.88 -4.70 -13.15
CA ALA A 77 16.63 -3.94 -13.10
C ALA A 77 16.59 -2.88 -11.99
N ASP A 78 17.08 -3.26 -10.80
CA ASP A 78 17.18 -2.33 -9.66
C ASP A 78 18.13 -1.15 -9.92
N ARG A 79 19.27 -1.43 -10.55
CA ARG A 79 20.22 -0.37 -10.91
C ARG A 79 19.66 0.56 -11.99
N GLU A 80 18.96 0.00 -12.98
CA GLU A 80 18.27 0.83 -13.98
C GLU A 80 17.17 1.71 -13.41
N LEU A 81 16.51 1.22 -12.35
CA LEU A 81 15.43 1.97 -11.68
C LEU A 81 15.91 3.26 -11.03
N VAL A 82 17.14 3.27 -10.54
CA VAL A 82 17.75 4.49 -9.99
C VAL A 82 17.92 5.53 -11.11
N HIS A 83 18.36 5.09 -12.28
CA HIS A 83 18.51 5.98 -13.44
C HIS A 83 17.18 6.43 -14.03
N MET A 84 16.15 5.60 -13.91
CA MET A 84 14.81 5.94 -14.37
C MET A 84 14.18 7.07 -13.56
N ILE A 85 14.37 7.06 -12.23
CA ILE A 85 13.86 8.14 -11.36
C ILE A 85 14.44 9.48 -11.81
N ASN A 86 15.75 9.51 -12.06
CA ASN A 86 16.41 10.72 -12.53
C ASN A 86 16.00 11.12 -13.94
N TRP A 87 15.76 10.13 -14.81
CA TRP A 87 15.19 10.40 -16.14
C TRP A 87 13.81 11.04 -16.05
N ALA A 88 12.96 10.48 -15.18
CA ALA A 88 11.58 10.95 -15.01
C ALA A 88 11.50 12.40 -14.56
N LYS A 89 12.40 12.80 -13.65
CA LYS A 89 12.48 14.19 -13.19
C LYS A 89 12.85 15.19 -14.30
N ARG A 90 13.48 14.71 -15.37
CA ARG A 90 13.86 15.53 -16.53
C ARG A 90 12.90 15.42 -17.72
N VAL A 91 11.77 14.73 -17.56
CA VAL A 91 10.70 14.73 -18.55
C VAL A 91 9.88 16.00 -18.32
N PRO A 92 9.81 16.91 -19.33
CA PRO A 92 9.09 18.16 -19.11
C PRO A 92 7.62 17.95 -18.73
N GLY A 93 7.19 18.59 -17.64
CA GLY A 93 5.83 18.41 -17.09
C GLY A 93 5.78 17.59 -15.82
N PHE A 94 6.67 16.60 -15.70
CA PHE A 94 6.64 15.63 -14.60
C PHE A 94 7.00 16.24 -13.24
N VAL A 95 7.99 17.13 -13.23
CA VAL A 95 8.44 17.78 -11.99
C VAL A 95 7.44 18.79 -11.44
N ASP A 96 6.54 19.32 -12.29
CA ASP A 96 5.46 20.23 -11.87
C ASP A 96 4.43 19.55 -10.96
N LEU A 97 4.27 18.22 -11.10
CA LEU A 97 3.32 17.45 -10.30
C LEU A 97 3.79 17.33 -8.85
N THR A 98 2.86 16.97 -7.98
CA THR A 98 3.17 16.69 -6.58
C THR A 98 4.00 15.41 -6.47
N SER A 99 4.73 15.28 -5.36
CA SER A 99 5.55 14.09 -5.12
C SER A 99 4.73 12.81 -5.03
N HIS A 100 3.53 12.90 -4.45
CA HIS A 100 2.60 11.77 -4.41
C HIS A 100 2.23 11.29 -5.81
N ASP A 101 1.88 12.23 -6.69
CA ASP A 101 1.49 11.92 -8.08
C ASP A 101 2.67 11.42 -8.92
N GLN A 102 3.88 11.93 -8.67
CA GLN A 102 5.07 11.42 -9.34
C GLN A 102 5.33 9.96 -8.99
N VAL A 103 5.17 9.61 -7.71
CA VAL A 103 5.32 8.23 -7.25
C VAL A 103 4.27 7.32 -7.89
N HIS A 104 3.02 7.79 -7.98
CA HIS A 104 1.92 7.02 -8.58
C HIS A 104 2.16 6.71 -10.05
N LEU A 105 2.58 7.71 -10.82
CA LEU A 105 2.89 7.50 -12.24
C LEU A 105 4.01 6.49 -12.43
N LEU A 106 5.06 6.60 -11.61
CA LEU A 106 6.21 5.69 -11.67
C LEU A 106 5.86 4.28 -11.19
N GLU A 107 5.04 4.18 -10.14
CA GLU A 107 4.57 2.87 -9.65
C GLU A 107 3.79 2.12 -10.73
N CYS A 108 2.95 2.83 -11.48
CA CYS A 108 2.19 2.23 -12.57
C CYS A 108 3.02 1.91 -13.81
N ALA A 109 4.07 2.68 -14.08
CA ALA A 109 4.81 2.63 -15.35
C ALA A 109 6.17 1.95 -15.35
N TRP A 110 6.76 1.69 -14.18
CA TRP A 110 8.20 1.31 -14.13
C TRP A 110 8.57 0.08 -14.98
N LEU A 111 7.74 -0.95 -14.97
CA LEU A 111 8.01 -2.18 -15.73
C LEU A 111 7.75 -1.98 -17.23
N GLU A 112 6.72 -1.21 -17.59
CA GLU A 112 6.52 -0.80 -18.98
C GLU A 112 7.74 -0.04 -19.51
N ILE A 113 8.25 0.90 -18.72
CA ILE A 113 9.45 1.69 -19.09
C ILE A 113 10.68 0.80 -19.23
N LEU A 114 10.90 -0.10 -18.27
CA LEU A 114 12.00 -1.09 -18.38
C LEU A 114 11.89 -1.92 -19.66
N MET A 115 10.66 -2.33 -19.99
CA MET A 115 10.39 -3.17 -21.15
C MET A 115 10.56 -2.48 -22.49
N ILE A 116 10.09 -1.24 -22.65
CA ILE A 116 10.28 -0.51 -23.90
C ILE A 116 11.76 -0.19 -24.12
N GLY A 117 12.49 0.09 -23.04
CA GLY A 117 13.95 0.25 -23.10
C GLY A 117 14.66 -0.99 -23.63
N LEU A 118 14.35 -2.13 -23.04
CA LEU A 118 14.88 -3.45 -23.46
C LEU A 118 14.60 -3.73 -24.92
N VAL A 119 13.33 -3.59 -25.30
CA VAL A 119 12.87 -3.85 -26.66
C VAL A 119 13.57 -2.93 -27.68
N TRP A 120 13.75 -1.66 -27.34
CA TRP A 120 14.49 -0.69 -28.16
C TRP A 120 15.95 -1.09 -28.41
N ARG A 121 16.68 -1.43 -27.36
CA ARG A 121 18.10 -1.81 -27.53
C ARG A 121 18.29 -3.22 -28.11
N SER A 122 17.22 -4.01 -28.19
CA SER A 122 17.25 -5.32 -28.85
C SER A 122 16.90 -5.29 -30.35
N MET A 123 16.47 -4.13 -30.87
CA MET A 123 16.04 -3.99 -32.28
C MET A 123 17.03 -4.54 -33.29
N GLU A 124 18.31 -4.26 -33.07
CA GLU A 124 19.38 -4.67 -33.98
C GLU A 124 19.91 -6.09 -33.73
N HIS A 125 19.24 -6.86 -32.87
CA HIS A 125 19.59 -8.28 -32.60
C HIS A 125 18.34 -9.18 -32.69
N PRO A 126 17.85 -9.42 -33.93
CA PRO A 126 16.69 -10.31 -34.19
C PRO A 126 16.80 -11.68 -33.50
N GLY A 127 15.72 -12.10 -32.84
CA GLY A 127 15.71 -13.34 -32.06
C GLY A 127 16.44 -13.30 -30.73
N LYS A 128 16.88 -12.12 -30.28
CA LYS A 128 17.62 -11.96 -29.04
C LYS A 128 17.17 -10.72 -28.26
N LEU A 129 17.30 -10.77 -26.94
CA LEU A 129 17.05 -9.63 -26.06
C LEU A 129 18.35 -9.16 -25.47
N LEU A 130 18.67 -7.89 -25.68
CA LEU A 130 19.89 -7.28 -25.14
C LEU A 130 19.57 -6.65 -23.80
N PHE A 131 19.60 -7.47 -22.76
CA PHE A 131 19.37 -6.98 -21.38
C PHE A 131 20.49 -6.03 -20.99
N ALA A 132 21.71 -6.42 -21.31
CA ALA A 132 22.89 -5.56 -21.24
C ALA A 132 23.84 -5.91 -22.40
N PRO A 133 24.86 -5.07 -22.66
CA PRO A 133 25.84 -5.42 -23.71
C PRO A 133 26.61 -6.71 -23.44
N ASN A 134 26.75 -7.07 -22.17
CA ASN A 134 27.36 -8.34 -21.75
C ASN A 134 26.31 -9.40 -21.34
N LEU A 135 25.08 -9.25 -21.81
CA LEU A 135 23.99 -10.16 -21.46
C LEU A 135 22.94 -10.19 -22.56
N LEU A 136 23.34 -10.74 -23.71
CA LEU A 136 22.47 -10.90 -24.88
C LEU A 136 21.91 -12.31 -24.82
N LEU A 137 20.58 -12.41 -24.67
CA LEU A 137 19.90 -13.68 -24.43
C LEU A 137 18.93 -14.00 -25.57
N ASP A 138 19.02 -15.22 -26.11
CA ASP A 138 18.06 -15.72 -27.11
C ASP A 138 16.85 -16.36 -26.42
N ARG A 139 15.84 -16.70 -27.22
CA ARG A 139 14.60 -17.35 -26.73
C ARG A 139 14.83 -18.60 -25.87
N ASN A 140 15.80 -19.43 -26.26
CA ASN A 140 16.03 -20.71 -25.57
C ASN A 140 16.56 -20.56 -24.14
N GLN A 141 17.31 -19.48 -23.88
CA GLN A 141 17.79 -19.18 -22.52
C GLN A 141 16.69 -18.62 -21.61
N GLY A 142 15.61 -18.12 -22.19
CA GLY A 142 14.40 -17.76 -21.44
C GLY A 142 13.71 -18.96 -20.78
N LYS A 143 13.85 -20.14 -21.39
CA LYS A 143 13.30 -21.39 -20.84
C LYS A 143 13.91 -21.80 -19.50
N CYS A 144 15.14 -21.31 -19.21
CA CYS A 144 15.81 -21.55 -17.93
C CYS A 144 15.02 -21.14 -16.68
N VAL A 145 14.22 -20.08 -16.81
CA VAL A 145 13.43 -19.58 -15.68
C VAL A 145 12.14 -20.36 -15.29
N GLU A 146 11.13 -20.38 -16.16
CA GLU A 146 9.90 -21.15 -15.98
C GLU A 146 8.74 -20.13 -15.90
N GLY A 147 8.00 -20.09 -17.01
CA GLY A 147 7.01 -19.06 -17.28
C GLY A 147 7.56 -17.78 -17.92
N MET A 148 8.88 -17.61 -17.93
CA MET A 148 9.51 -16.46 -18.56
C MET A 148 9.42 -16.52 -20.09
N VAL A 149 9.53 -17.72 -20.67
CA VAL A 149 9.57 -17.89 -22.13
C VAL A 149 8.39 -17.23 -22.87
N GLU A 150 7.22 -17.23 -22.25
CA GLU A 150 6.03 -16.58 -22.83
C GLU A 150 6.20 -15.07 -22.91
N ILE A 151 6.79 -14.50 -21.87
CA ILE A 151 7.07 -13.06 -21.81
C ILE A 151 8.21 -12.69 -22.75
N PHE A 152 9.26 -13.51 -22.74
CA PHE A 152 10.35 -13.44 -23.73
C PHE A 152 9.83 -13.28 -25.16
N ASP A 153 8.92 -14.18 -25.57
CA ASP A 153 8.36 -14.18 -26.93
C ASP A 153 7.65 -12.88 -27.26
N MET A 154 6.85 -12.39 -26.31
CA MET A 154 6.14 -11.13 -26.48
C MET A 154 7.12 -9.96 -26.67
N LEU A 155 8.20 -9.92 -25.89
CA LEU A 155 9.21 -8.89 -26.01
C LEU A 155 9.92 -8.92 -27.37
N LEU A 156 10.25 -10.13 -27.85
CA LEU A 156 10.84 -10.29 -29.19
C LEU A 156 9.92 -9.85 -30.33
N ALA A 157 8.62 -10.15 -30.22
CA ALA A 157 7.64 -9.74 -31.24
C ALA A 157 7.54 -8.23 -31.34
N THR A 158 7.54 -7.56 -30.18
CA THR A 158 7.52 -6.10 -30.10
C THR A 158 8.78 -5.47 -30.69
N SER A 159 9.92 -6.07 -30.40
CA SER A 159 11.19 -5.62 -30.96
C SER A 159 11.18 -5.72 -32.47
N SER A 160 10.78 -6.89 -32.96
CA SER A 160 10.59 -7.14 -34.40
C SER A 160 9.62 -6.15 -35.05
N ARG A 161 8.54 -5.81 -34.34
CA ARG A 161 7.57 -4.84 -34.82
C ARG A 161 8.17 -3.42 -34.90
N PHE A 162 9.00 -3.03 -33.93
CA PHE A 162 9.72 -1.74 -34.00
C PHE A 162 10.75 -1.72 -35.13
N ARG A 163 11.37 -2.87 -35.41
CA ARG A 163 12.30 -3.02 -36.53
C ARG A 163 11.61 -2.84 -37.88
N MET A 164 10.44 -3.46 -38.04
CA MET A 164 9.61 -3.33 -39.26
C MET A 164 9.11 -1.91 -39.50
N MET A 165 8.78 -1.19 -38.42
CA MET A 165 8.35 0.22 -38.52
C MET A 165 9.50 1.23 -38.67
N ASN A 166 10.75 0.76 -38.52
CA ASN A 166 11.93 1.62 -38.57
C ASN A 166 11.83 2.74 -37.53
N LEU A 167 11.54 2.34 -36.29
CA LEU A 167 11.32 3.29 -35.20
C LEU A 167 12.61 4.05 -34.95
N GLN A 168 12.47 5.37 -34.80
CA GLN A 168 13.61 6.26 -34.63
C GLN A 168 13.79 6.57 -33.16
N GLY A 169 15.02 6.92 -32.79
CA GLY A 169 15.36 7.30 -31.43
C GLY A 169 14.54 8.47 -30.90
N GLU A 170 14.26 9.44 -31.78
CA GLU A 170 13.44 10.60 -31.40
C GLU A 170 12.01 10.18 -31.08
N GLU A 171 11.47 9.24 -31.87
CA GLU A 171 10.15 8.67 -31.61
C GLU A 171 10.12 7.81 -30.34
N PHE A 172 11.19 7.07 -30.13
CA PHE A 172 11.35 6.21 -28.94
C PHE A 172 11.21 7.01 -27.63
N VAL A 173 11.98 8.07 -27.50
CA VAL A 173 11.93 8.89 -26.27
C VAL A 173 10.58 9.55 -26.03
N CYS A 174 9.87 9.89 -27.11
CA CYS A 174 8.50 10.40 -26.98
C CYS A 174 7.55 9.32 -26.45
N LEU A 175 7.69 8.11 -26.97
CA LEU A 175 6.85 6.99 -26.52
C LEU A 175 7.08 6.62 -25.07
N LYS A 176 8.34 6.67 -24.63
CA LYS A 176 8.69 6.43 -23.23
C LYS A 176 8.06 7.41 -22.25
N SER A 177 8.12 8.69 -22.61
CA SER A 177 7.47 9.74 -21.81
C SER A 177 5.95 9.59 -21.80
N ILE A 178 5.36 9.19 -22.91
CA ILE A 178 3.93 8.92 -22.98
C ILE A 178 3.56 7.86 -21.95
N ILE A 179 4.31 6.76 -21.92
CA ILE A 179 4.10 5.67 -20.97
C ILE A 179 4.10 6.17 -19.54
N LEU A 180 5.12 6.95 -19.20
CA LEU A 180 5.23 7.51 -17.86
C LEU A 180 4.01 8.36 -17.50
N LEU A 181 3.62 9.23 -18.40
CA LEU A 181 2.53 10.17 -18.13
C LEU A 181 1.14 9.53 -18.27
N ASN A 182 0.98 8.58 -19.18
CA ASN A 182 -0.34 8.00 -19.48
C ASN A 182 -0.76 6.85 -18.56
N SER A 183 0.19 6.03 -18.10
CA SER A 183 -0.17 4.75 -17.51
C SER A 183 -0.88 4.84 -16.16
N GLY A 184 -0.59 5.88 -15.38
CA GLY A 184 -1.21 6.09 -14.07
C GLY A 184 -2.26 7.19 -14.02
N VAL A 185 -2.44 7.93 -15.12
CA VAL A 185 -3.26 9.16 -15.10
C VAL A 185 -4.75 8.90 -14.83
N TYR A 186 -5.26 7.77 -15.31
CA TYR A 186 -6.68 7.42 -15.19
C TYR A 186 -7.10 7.00 -13.77
N THR A 187 -6.19 6.41 -13.00
CA THR A 187 -6.48 5.92 -11.65
C THR A 187 -6.09 6.90 -10.51
N PHE A 188 -5.87 8.18 -10.85
CA PHE A 188 -5.62 9.24 -9.84
C PHE A 188 -6.68 9.25 -8.74
N THR A 192 -11.45 16.35 -6.19
CA THR A 192 -11.00 17.65 -5.67
C THR A 192 -10.35 18.52 -6.75
N LEU A 193 -10.14 19.79 -6.43
CA LEU A 193 -9.53 20.75 -7.38
C LEU A 193 -8.09 20.42 -7.74
N LYS A 194 -7.30 20.02 -6.73
CA LYS A 194 -5.87 19.74 -6.90
C LYS A 194 -5.62 18.66 -7.96
N SER A 195 -6.24 17.49 -7.76
CA SER A 195 -6.09 16.35 -8.66
C SER A 195 -6.66 16.61 -10.06
N LEU A 196 -7.73 17.41 -10.15
CA LEU A 196 -8.33 17.80 -11.43
C LEU A 196 -7.42 18.72 -12.23
N GLU A 197 -6.75 19.66 -11.55
CA GLU A 197 -5.74 20.52 -12.19
C GLU A 197 -4.48 19.74 -12.59
N GLU A 198 -4.09 18.76 -11.77
CA GLU A 198 -2.96 17.87 -12.07
C GLU A 198 -3.25 16.96 -13.27
N LYS A 199 -4.49 16.47 -13.36
CA LYS A 199 -4.92 15.61 -14.47
C LYS A 199 -4.91 16.32 -15.82
N ASP A 200 -5.48 17.53 -15.87
CA ASP A 200 -5.50 18.32 -17.12
C ASP A 200 -4.11 18.79 -17.54
N HIS A 201 -3.24 19.09 -16.57
CA HIS A 201 -1.83 19.38 -16.84
C HIS A 201 -1.16 18.21 -17.57
N ILE A 202 -1.36 17.00 -17.06
CA ILE A 202 -0.83 15.78 -17.67
C ILE A 202 -1.37 15.62 -19.10
N HIS A 203 -2.67 15.86 -19.29
CA HIS A 203 -3.29 15.74 -20.62
C HIS A 203 -2.75 16.75 -21.63
N ARG A 204 -2.44 17.97 -21.17
CA ARG A 204 -1.80 18.97 -22.04
C ARG A 204 -0.38 18.60 -22.42
N VAL A 205 0.40 18.09 -21.46
CA VAL A 205 1.76 17.61 -21.76
C VAL A 205 1.71 16.48 -22.81
N LEU A 206 0.79 15.53 -22.63
CA LEU A 206 0.56 14.47 -23.62
C LEU A 206 0.17 14.98 -25.00
N ASP A 207 -0.65 16.03 -25.06
CA ASP A 207 -0.96 16.73 -26.33
C ASP A 207 0.31 17.30 -26.97
N LYS A 208 1.19 17.89 -26.17
CA LYS A 208 2.45 18.40 -26.68
C LYS A 208 3.39 17.31 -27.22
N ILE A 209 3.43 16.16 -26.56
CA ILE A 209 4.24 15.03 -27.05
C ILE A 209 3.66 14.48 -28.35
N THR A 210 2.33 14.43 -28.47
CA THR A 210 1.69 14.08 -29.74
C THR A 210 2.10 15.01 -30.86
N ASP A 211 1.98 16.33 -30.63
CA ASP A 211 2.43 17.36 -31.58
C ASP A 211 3.87 17.13 -32.02
N THR A 212 4.73 16.88 -31.03
CA THR A 212 6.14 16.59 -31.28
C THR A 212 6.31 15.36 -32.19
N LEU A 213 5.57 14.29 -31.90
CA LEU A 213 5.60 13.08 -32.75
C LEU A 213 5.20 13.38 -34.20
N ILE A 214 4.14 14.17 -34.38
CA ILE A 214 3.67 14.53 -35.72
C ILE A 214 4.72 15.39 -36.44
N HIS A 215 5.32 16.34 -35.73
CA HIS A 215 6.36 17.22 -36.29
C HIS A 215 7.57 16.44 -36.80
N LEU A 216 8.03 15.45 -36.04
CA LEU A 216 9.14 14.58 -36.45
C LEU A 216 8.82 13.84 -37.74
N MET A 217 7.57 13.36 -37.85
CA MET A 217 7.10 12.66 -39.06
C MET A 217 6.95 13.60 -40.26
N ALA A 218 6.46 14.83 -40.03
CA ALA A 218 6.36 15.85 -41.08
C ALA A 218 7.74 16.32 -41.55
N LYS A 219 8.64 16.53 -40.60
CA LYS A 219 10.05 16.87 -40.87
C LYS A 219 10.77 15.72 -41.60
N ALA A 220 10.44 14.48 -41.25
CA ALA A 220 10.97 13.30 -41.94
C ALA A 220 10.44 13.13 -43.38
N GLY A 221 9.33 13.80 -43.69
CA GLY A 221 8.80 13.89 -45.05
C GLY A 221 7.51 13.13 -45.31
N LEU A 222 6.91 12.57 -44.27
CA LEU A 222 5.69 11.76 -44.43
C LEU A 222 4.50 12.65 -44.72
N THR A 223 3.59 12.16 -45.56
CA THR A 223 2.35 12.87 -45.88
C THR A 223 1.42 12.88 -44.66
N LEU A 224 0.47 13.81 -44.64
CA LEU A 224 -0.52 13.91 -43.55
C LEU A 224 -1.24 12.59 -43.27
N GLN A 225 -1.57 11.84 -44.33
CA GLN A 225 -2.18 10.52 -44.19
C GLN A 225 -1.23 9.54 -43.51
N GLN A 226 0.01 9.49 -44.00
CA GLN A 226 1.05 8.63 -43.41
C GLN A 226 1.40 9.00 -41.97
N GLN A 227 1.28 10.29 -41.64
CA GLN A 227 1.56 10.79 -40.29
C GLN A 227 0.55 10.28 -39.27
N HIS A 228 -0.73 10.36 -39.59
CA HIS A 228 -1.77 9.94 -38.65
C HIS A 228 -1.78 8.40 -38.51
N GLN A 229 -1.45 7.68 -39.59
CA GLN A 229 -1.37 6.22 -39.56
C GLN A 229 -0.21 5.70 -38.71
N ARG A 230 0.96 6.33 -38.86
CA ARG A 230 2.13 5.96 -38.08
C ARG A 230 1.93 6.29 -36.60
N LEU A 231 1.38 7.48 -36.32
CA LEU A 231 1.01 7.86 -34.95
C LEU A 231 0.13 6.82 -34.28
N ALA A 232 -0.90 6.34 -34.99
CA ALA A 232 -1.80 5.32 -34.46
C ALA A 232 -1.10 3.98 -34.25
N GLN A 233 -0.26 3.59 -35.21
CA GLN A 233 0.52 2.35 -35.14
C GLN A 233 1.41 2.32 -33.89
N LEU A 234 2.10 3.44 -33.63
CA LEU A 234 2.97 3.54 -32.47
C LEU A 234 2.20 3.48 -31.15
N LEU A 235 1.05 4.14 -31.11
CA LEU A 235 0.23 4.19 -29.91
C LEU A 235 -0.50 2.86 -29.64
N LEU A 236 -0.90 2.14 -30.69
CA LEU A 236 -1.45 0.79 -30.53
C LEU A 236 -0.48 -0.22 -29.93
N ILE A 237 0.79 -0.09 -30.30
CA ILE A 237 1.86 -0.91 -29.72
C ILE A 237 1.95 -0.71 -28.20
N LEU A 238 1.61 0.48 -27.71
CA LEU A 238 1.61 0.75 -26.27
C LEU A 238 0.60 -0.07 -25.48
N SER A 239 -0.50 -0.49 -26.11
CA SER A 239 -1.42 -1.43 -25.45
C SER A 239 -0.78 -2.82 -25.24
N HIS A 240 0.01 -3.28 -26.20
CA HIS A 240 0.73 -4.56 -26.07
C HIS A 240 1.80 -4.47 -24.98
N ILE A 241 2.43 -3.29 -24.88
CA ILE A 241 3.42 -3.03 -23.83
C ILE A 241 2.79 -3.05 -22.44
N ARG A 242 1.58 -2.51 -22.32
CA ARG A 242 0.82 -2.61 -21.08
C ARG A 242 0.50 -4.05 -20.74
N HIS A 243 0.04 -4.81 -21.74
CA HIS A 243 -0.27 -6.22 -21.58
C HIS A 243 0.93 -7.02 -21.09
N MET A 244 2.05 -6.85 -21.77
CA MET A 244 3.34 -7.48 -21.38
C MET A 244 3.75 -7.12 -19.95
N SER A 245 3.53 -5.86 -19.59
CA SER A 245 3.85 -5.36 -18.26
C SER A 245 2.98 -6.01 -17.18
N ASN A 246 1.69 -6.23 -17.48
CA ASN A 246 0.79 -6.93 -16.55
C ASN A 246 1.12 -8.42 -16.44
N LYS A 247 1.44 -9.05 -17.56
CA LYS A 247 1.93 -10.43 -17.55
C LYS A 247 3.25 -10.52 -16.77
N GLY A 248 4.14 -9.56 -17.01
CA GLY A 248 5.41 -9.45 -16.28
C GLY A 248 5.26 -9.42 -14.77
N MET A 249 4.35 -8.57 -14.29
CA MET A 249 4.04 -8.45 -12.86
C MET A 249 3.53 -9.76 -12.28
N GLU A 250 2.55 -10.36 -12.94
CA GLU A 250 2.01 -11.65 -12.53
C GLU A 250 3.12 -12.69 -12.42
N HIS A 251 4.01 -12.71 -13.42
CA HIS A 251 5.14 -13.65 -13.41
C HIS A 251 6.13 -13.36 -12.27
N LEU A 252 6.40 -12.07 -12.01
CA LEU A 252 7.28 -11.68 -10.90
C LEU A 252 6.70 -12.01 -9.51
N TYR A 253 5.39 -11.82 -9.33
CA TYR A 253 4.72 -12.17 -8.07
C TYR A 253 4.61 -13.68 -7.85
N SER A 254 4.54 -14.46 -8.92
CA SER A 254 4.62 -15.93 -8.83
C SER A 254 5.91 -16.46 -8.19
N MET A 255 7.01 -15.71 -8.32
N MET A 255 7.01 -15.71 -8.32
CA MET A 255 8.29 -16.06 -7.69
CA MET A 255 8.30 -16.07 -7.72
C MET A 255 8.51 -15.31 -6.38
C MET A 255 8.53 -15.31 -6.41
N VAL A 260 11.01 -8.39 -4.55
CA VAL A 260 11.97 -7.65 -5.36
C VAL A 260 11.31 -6.54 -6.21
N VAL A 261 9.99 -6.38 -6.10
CA VAL A 261 9.28 -5.32 -6.82
C VAL A 261 9.32 -4.01 -6.01
N PRO A 262 9.60 -2.87 -6.67
CA PRO A 262 9.60 -1.59 -5.93
C PRO A 262 8.25 -1.18 -5.36
N SER A 263 8.19 -1.04 -4.04
CA SER A 263 7.02 -0.48 -3.34
C SER A 263 6.84 1.03 -3.56
N TYR A 264 5.70 1.54 -3.11
CA TYR A 264 5.38 2.97 -3.10
C TYR A 264 6.38 3.74 -2.24
N ASP A 265 6.61 3.24 -1.03
CA ASP A 265 7.52 3.87 -0.07
C ASP A 265 8.95 3.95 -0.61
N LEU A 266 9.42 2.87 -1.22
CA LEU A 266 10.76 2.84 -1.84
C LEU A 266 10.91 3.90 -2.94
N LEU A 267 9.92 3.97 -3.84
CA LEU A 267 9.93 4.95 -4.92
C LEU A 267 9.83 6.41 -4.42
N LEU A 268 9.07 6.63 -3.35
CA LEU A 268 8.94 7.95 -2.74
C LEU A 268 10.22 8.39 -2.02
N GLU A 269 10.93 7.42 -1.43
CA GLU A 269 12.25 7.67 -0.84
C GLU A 269 13.26 8.09 -1.90
N MET A 270 13.33 7.32 -2.99
CA MET A 270 14.27 7.59 -4.09
C MET A 270 14.01 8.93 -4.78
N LEU A 271 12.74 9.28 -4.98
CA LEU A 271 12.35 10.54 -5.63
C LEU A 271 12.81 11.80 -4.87
N ASP A 272 12.72 11.77 -3.55
CA ASP A 272 13.15 12.90 -2.70
C ASP A 272 14.65 13.24 -2.83
N ALA A 273 15.48 12.22 -3.09
CA ALA A 273 16.90 12.41 -3.32
C ALA A 273 17.12 13.08 -4.67
N LEU B 33 -13.27 -6.61 -49.60
CA LEU B 33 -14.14 -5.39 -49.74
C LEU B 33 -13.89 -4.29 -48.71
N ALA B 34 -13.30 -4.65 -47.56
CA ALA B 34 -13.09 -3.69 -46.47
C ALA B 34 -12.05 -2.60 -46.77
N LEU B 35 -11.06 -2.93 -47.62
CA LEU B 35 -10.03 -1.97 -48.01
C LEU B 35 -10.51 -0.92 -49.02
N SER B 36 -11.61 -1.22 -49.72
CA SER B 36 -12.20 -0.30 -50.70
C SER B 36 -13.28 0.62 -50.12
N LEU B 37 -13.68 0.43 -48.86
CA LEU B 37 -14.72 1.24 -48.24
C LEU B 37 -14.23 2.66 -47.98
N THR B 38 -15.14 3.63 -48.08
CA THR B 38 -14.87 5.01 -47.67
C THR B 38 -15.04 5.13 -46.16
N ALA B 39 -14.66 6.28 -45.60
CA ALA B 39 -14.82 6.56 -44.18
C ALA B 39 -16.28 6.46 -43.73
N ASP B 40 -17.19 7.04 -44.52
CA ASP B 40 -18.63 7.00 -44.23
C ASP B 40 -19.24 5.60 -44.34
N GLN B 41 -18.74 4.79 -45.27
CA GLN B 41 -19.18 3.40 -45.41
C GLN B 41 -18.70 2.51 -44.27
N MET B 42 -17.50 2.79 -43.77
CA MET B 42 -16.96 2.08 -42.61
C MET B 42 -17.85 2.36 -41.39
N VAL B 43 -18.18 3.63 -41.17
CA VAL B 43 -19.00 4.05 -40.03
C VAL B 43 -20.38 3.40 -40.10
N SER B 44 -21.03 3.51 -41.25
CA SER B 44 -22.37 2.94 -41.49
C SER B 44 -22.42 1.43 -41.21
N ALA B 45 -21.40 0.71 -41.65
CA ALA B 45 -21.30 -0.74 -41.41
C ALA B 45 -21.08 -1.07 -39.93
N LEU B 46 -20.23 -0.31 -39.25
CA LEU B 46 -19.99 -0.52 -37.81
C LEU B 46 -21.22 -0.18 -36.96
N LEU B 47 -21.91 0.90 -37.32
CA LEU B 47 -23.16 1.28 -36.66
C LEU B 47 -24.28 0.25 -36.87
N ASP B 48 -24.38 -0.29 -38.08
CA ASP B 48 -25.31 -1.40 -38.39
C ASP B 48 -24.99 -2.70 -37.64
N ALA B 49 -23.71 -2.98 -37.41
CA ALA B 49 -23.25 -4.17 -36.69
C ALA B 49 -23.49 -4.11 -35.18
N GLU B 50 -23.68 -2.91 -34.65
CA GLU B 50 -23.79 -2.68 -33.19
C GLU B 50 -24.82 -3.60 -32.52
N PRO B 51 -24.40 -4.34 -31.46
CA PRO B 51 -25.34 -5.23 -30.79
C PRO B 51 -26.36 -4.48 -29.93
N PRO B 52 -27.47 -5.14 -29.57
CA PRO B 52 -28.49 -4.50 -28.74
C PRO B 52 -28.09 -4.43 -27.27
N ILE B 53 -28.67 -3.46 -26.55
CA ILE B 53 -28.51 -3.37 -25.10
C ILE B 53 -29.47 -4.38 -24.47
N LEU B 54 -28.95 -5.22 -23.58
CA LEU B 54 -29.73 -6.28 -22.93
C LEU B 54 -30.08 -5.94 -21.48
N TYR B 55 -31.05 -6.68 -20.94
CA TYR B 55 -31.50 -6.54 -19.56
C TYR B 55 -30.99 -7.70 -18.71
N SER B 56 -30.78 -7.47 -17.43
CA SER B 56 -30.50 -8.56 -16.48
C SER B 56 -31.80 -9.30 -16.17
N GLU B 57 -31.67 -10.56 -15.75
CA GLU B 57 -32.82 -11.38 -15.33
C GLU B 57 -33.13 -11.19 -13.84
N PHE B 64 -28.49 -8.12 -2.16
CA PHE B 64 -27.50 -8.93 -2.86
C PHE B 64 -26.47 -9.56 -1.92
N SER B 65 -26.11 -10.80 -2.23
CA SER B 65 -24.92 -11.47 -1.71
C SER B 65 -23.85 -11.46 -2.81
N GLU B 66 -22.59 -11.68 -2.41
CA GLU B 66 -21.48 -11.87 -3.35
C GLU B 66 -21.73 -12.83 -4.53
N ALA B 67 -22.36 -13.97 -4.26
CA ALA B 67 -22.69 -14.98 -5.28
C ALA B 67 -23.83 -14.54 -6.19
N SER B 68 -24.91 -14.03 -5.59
CA SER B 68 -26.11 -13.63 -6.35
C SER B 68 -25.80 -12.49 -7.33
N MET B 69 -24.98 -11.53 -6.90
CA MET B 69 -24.58 -10.43 -7.77
C MET B 69 -23.69 -10.93 -8.91
N MET B 70 -22.74 -11.81 -8.60
CA MET B 70 -21.88 -12.41 -9.62
C MET B 70 -22.65 -13.31 -10.60
N GLY B 71 -23.66 -14.01 -10.10
CA GLY B 71 -24.55 -14.82 -10.95
C GLY B 71 -25.32 -14.01 -11.98
N LEU B 72 -25.90 -12.90 -11.54
CA LEU B 72 -26.63 -11.99 -12.44
C LEU B 72 -25.70 -11.32 -13.47
N LEU B 73 -24.52 -10.90 -13.03
CA LEU B 73 -23.54 -10.29 -13.92
C LEU B 73 -22.98 -11.30 -14.93
N THR B 74 -22.74 -12.53 -14.47
CA THR B 74 -22.25 -13.61 -15.33
C THR B 74 -23.29 -14.04 -16.37
N ASN B 75 -24.55 -14.13 -15.96
CA ASN B 75 -25.66 -14.41 -16.88
C ASN B 75 -25.74 -13.35 -17.99
N LEU B 76 -25.63 -12.08 -17.59
CA LEU B 76 -25.64 -10.96 -18.53
C LEU B 76 -24.45 -10.98 -19.49
N ALA B 77 -23.26 -11.19 -18.95
CA ALA B 77 -22.03 -11.24 -19.75
C ALA B 77 -22.04 -12.35 -20.80
N ASP B 78 -22.53 -13.54 -20.41
CA ASP B 78 -22.67 -14.69 -21.33
C ASP B 78 -23.64 -14.42 -22.48
N ARG B 79 -24.76 -13.77 -22.17
N ARG B 79 -24.76 -13.77 -22.17
CA ARG B 79 -25.74 -13.41 -23.20
CA ARG B 79 -25.75 -13.42 -23.20
C ARG B 79 -25.19 -12.34 -24.15
C ARG B 79 -25.20 -12.35 -24.15
N GLU B 80 -24.47 -11.35 -23.62
N GLU B 80 -24.48 -11.36 -23.62
CA GLU B 80 -23.80 -10.35 -24.46
CA GLU B 80 -23.80 -10.37 -24.47
C GLU B 80 -22.72 -10.96 -25.38
C GLU B 80 -22.73 -10.96 -25.38
N LEU B 81 -22.05 -12.01 -24.91
CA LEU B 81 -21.00 -12.69 -25.67
C LEU B 81 -21.51 -13.35 -26.96
N VAL B 82 -22.76 -13.83 -26.93
CA VAL B 82 -23.39 -14.38 -28.12
C VAL B 82 -23.58 -13.28 -29.17
N HIS B 83 -24.01 -12.09 -28.72
CA HIS B 83 -24.19 -10.94 -29.63
C HIS B 83 -22.85 -10.37 -30.13
N MET B 84 -21.80 -10.49 -29.32
CA MET B 84 -20.47 -10.03 -29.71
C MET B 84 -19.87 -10.86 -30.86
N ILE B 85 -20.06 -12.18 -30.82
CA ILE B 85 -19.58 -13.07 -31.91
C ILE B 85 -20.20 -12.62 -33.24
N ASN B 86 -21.51 -12.37 -33.23
CA ASN B 86 -22.21 -11.91 -34.42
C ASN B 86 -21.81 -10.50 -34.84
N TRP B 87 -21.54 -9.62 -33.87
CA TRP B 87 -20.99 -8.28 -34.17
C TRP B 87 -19.62 -8.38 -34.85
N ALA B 88 -18.76 -9.24 -34.32
CA ALA B 88 -17.39 -9.40 -34.84
C ALA B 88 -17.37 -9.85 -36.30
N LYS B 89 -18.27 -10.77 -36.66
CA LYS B 89 -18.40 -11.23 -38.04
C LYS B 89 -18.81 -10.13 -39.03
N ARG B 90 -19.43 -9.05 -38.53
CA ARG B 90 -19.84 -7.91 -39.35
C ARG B 90 -18.88 -6.70 -39.29
N VAL B 91 -17.72 -6.86 -38.63
CA VAL B 91 -16.66 -5.85 -38.67
C VAL B 91 -15.89 -6.06 -39.98
N PRO B 92 -15.86 -5.04 -40.88
CA PRO B 92 -15.16 -5.24 -42.14
C PRO B 92 -13.67 -5.60 -41.98
N GLY B 93 -13.25 -6.67 -42.64
CA GLY B 93 -11.89 -7.20 -42.52
C GLY B 93 -11.80 -8.49 -41.70
N PHE B 94 -12.65 -8.61 -40.68
CA PHE B 94 -12.60 -9.73 -39.72
C PHE B 94 -12.97 -11.08 -40.34
N VAL B 95 -13.99 -11.08 -41.19
CA VAL B 95 -14.47 -12.31 -41.83
C VAL B 95 -13.50 -12.85 -42.89
N ASP B 96 -12.63 -12.00 -43.44
CA ASP B 96 -11.58 -12.42 -44.40
C ASP B 96 -10.52 -13.32 -43.76
N LEU B 97 -10.32 -13.19 -42.44
CA LEU B 97 -9.34 -14.01 -41.72
C LEU B 97 -9.82 -15.45 -41.58
N THR B 98 -8.87 -16.33 -41.26
CA THR B 98 -9.18 -17.73 -40.99
C THR B 98 -9.96 -17.87 -39.70
N SER B 99 -10.69 -18.97 -39.56
CA SER B 99 -11.48 -19.24 -38.35
C SER B 99 -10.61 -19.34 -37.09
N HIS B 100 -9.42 -19.93 -37.23
CA HIS B 100 -8.45 -19.97 -36.13
C HIS B 100 -8.07 -18.58 -35.64
N ASP B 101 -7.74 -17.69 -36.58
CA ASP B 101 -7.35 -16.32 -36.27
C ASP B 101 -8.52 -15.47 -35.71
N GLN B 102 -9.73 -15.72 -36.19
CA GLN B 102 -10.92 -15.04 -35.63
C GLN B 102 -11.12 -15.42 -34.17
N VAL B 103 -10.95 -16.70 -33.85
CA VAL B 103 -11.06 -17.18 -32.46
C VAL B 103 -9.98 -16.55 -31.57
N HIS B 104 -8.75 -16.45 -32.08
CA HIS B 104 -7.63 -15.88 -31.34
C HIS B 104 -7.85 -14.40 -31.00
N LEU B 105 -8.30 -13.61 -31.98
CA LEU B 105 -8.59 -12.20 -31.75
C LEU B 105 -9.69 -12.02 -30.71
N LEU B 106 -10.74 -12.84 -30.79
CA LEU B 106 -11.85 -12.79 -29.83
C LEU B 106 -11.46 -13.28 -28.44
N GLU B 107 -10.64 -14.32 -28.38
CA GLU B 107 -10.13 -14.83 -27.09
C GLU B 107 -9.32 -13.76 -26.36
N CYS B 108 -8.51 -13.00 -27.09
CA CYS B 108 -7.73 -11.91 -26.51
C CYS B 108 -8.55 -10.68 -26.13
N ALA B 109 -9.63 -10.41 -26.87
CA ALA B 109 -10.34 -9.12 -26.82
C ALA B 109 -11.70 -9.11 -26.09
N TRP B 110 -12.29 -10.28 -25.83
CA TRP B 110 -13.69 -10.33 -25.36
C TRP B 110 -14.02 -9.48 -24.13
N LEU B 111 -13.13 -9.50 -23.13
CA LEU B 111 -13.37 -8.74 -21.90
C LEU B 111 -13.12 -7.23 -22.11
N GLU B 112 -12.11 -6.87 -22.90
CA GLU B 112 -11.93 -5.47 -23.31
C GLU B 112 -13.18 -4.94 -24.02
N ILE B 113 -13.73 -5.73 -24.94
CA ILE B 113 -14.95 -5.36 -25.68
C ILE B 113 -16.16 -5.23 -24.74
N LEU B 114 -16.35 -6.19 -23.84
CA LEU B 114 -17.41 -6.09 -22.81
C LEU B 114 -17.25 -4.81 -21.98
N MET B 115 -16.02 -4.48 -21.62
CA MET B 115 -15.71 -3.32 -20.79
C MET B 115 -15.91 -1.97 -21.46
N ILE B 116 -15.50 -1.82 -22.72
CA ILE B 116 -15.72 -0.56 -23.44
C ILE B 116 -17.22 -0.35 -23.69
N GLY B 117 -17.96 -1.42 -23.95
CA GLY B 117 -19.42 -1.35 -24.05
C GLY B 117 -20.09 -0.82 -22.78
N LEU B 118 -19.73 -1.42 -21.65
CA LEU B 118 -20.21 -1.01 -20.32
C LEU B 118 -19.90 0.46 -20.03
N VAL B 119 -18.65 0.82 -20.22
CA VAL B 119 -18.18 2.18 -19.99
C VAL B 119 -18.91 3.21 -20.87
N TRP B 120 -19.13 2.87 -22.14
CA TRP B 120 -19.89 3.70 -23.08
C TRP B 120 -21.34 3.97 -22.63
N ARG B 121 -22.07 2.91 -22.27
CA ARG B 121 -23.46 3.11 -21.84
C ARG B 121 -23.60 3.67 -20.41
N SER B 122 -22.50 3.76 -19.66
CA SER B 122 -22.48 4.41 -18.36
C SER B 122 -22.13 5.91 -18.40
N MET B 123 -21.74 6.43 -19.57
CA MET B 123 -21.31 7.84 -19.72
C MET B 123 -22.26 8.85 -19.12
N GLU B 124 -23.55 8.65 -19.36
CA GLU B 124 -24.58 9.58 -18.89
C GLU B 124 -25.06 9.33 -17.46
N HIS B 125 -24.36 8.45 -16.71
CA HIS B 125 -24.65 8.19 -15.29
C HIS B 125 -23.37 8.27 -14.44
N PRO B 126 -22.84 9.51 -14.22
CA PRO B 126 -21.67 9.75 -13.37
C PRO B 126 -21.73 9.05 -12.01
N GLY B 127 -20.64 8.39 -11.63
CA GLY B 127 -20.57 7.62 -10.39
C GLY B 127 -21.32 6.29 -10.41
N LYS B 128 -21.80 5.84 -11.57
CA LYS B 128 -22.57 4.60 -11.69
C LYS B 128 -22.19 3.83 -12.96
N LEU B 129 -22.32 2.51 -12.90
CA LEU B 129 -22.13 1.63 -14.04
C LEU B 129 -23.47 1.06 -14.46
N LEU B 130 -23.84 1.27 -15.72
CA LEU B 130 -25.10 0.76 -16.27
C LEU B 130 -24.81 -0.59 -16.92
N PHE B 131 -24.82 -1.63 -16.10
CA PHE B 131 -24.62 -3.00 -16.58
C PHE B 131 -25.77 -3.38 -17.51
N ALA B 132 -26.98 -3.04 -17.07
CA ALA B 132 -28.19 -3.09 -17.89
C ALA B 132 -29.11 -1.93 -17.51
N PRO B 133 -30.16 -1.65 -18.31
CA PRO B 133 -31.11 -0.58 -17.93
C PRO B 133 -31.85 -0.85 -16.62
N ASN B 134 -32.00 -2.13 -16.26
CA ASN B 134 -32.55 -2.54 -14.97
C ASN B 134 -31.48 -2.98 -13.95
N LEU B 135 -30.25 -2.50 -14.12
CA LEU B 135 -29.13 -2.89 -13.25
C LEU B 135 -28.06 -1.79 -13.26
N LEU B 136 -28.42 -0.64 -12.69
CA LEU B 136 -27.53 0.50 -12.54
C LEU B 136 -26.89 0.41 -11.16
N LEU B 137 -25.57 0.25 -11.11
CA LEU B 137 -24.83 0.03 -9.86
C LEU B 137 -23.84 1.16 -9.60
N ASP B 138 -23.88 1.71 -8.38
CA ASP B 138 -22.88 2.68 -7.93
C ASP B 138 -21.65 1.98 -7.32
N ARG B 139 -20.62 2.77 -7.04
CA ARG B 139 -19.36 2.29 -6.44
C ARG B 139 -19.54 1.43 -5.18
N ASN B 140 -20.47 1.82 -4.31
CA ASN B 140 -20.66 1.15 -3.02
C ASN B 140 -21.19 -0.29 -3.14
N GLN B 141 -21.99 -0.54 -4.17
CA GLN B 141 -22.49 -1.90 -4.45
C GLN B 141 -21.42 -2.82 -5.05
N GLY B 142 -20.36 -2.24 -5.62
CA GLY B 142 -19.17 -2.99 -6.01
C GLY B 142 -18.43 -3.65 -4.86
N LYS B 143 -18.51 -3.04 -3.68
CA LYS B 143 -17.91 -3.60 -2.45
C LYS B 143 -18.49 -4.96 -2.03
N CYS B 144 -19.73 -5.25 -2.46
CA CYS B 144 -20.40 -6.53 -2.19
C CYS B 144 -19.62 -7.77 -2.65
N VAL B 145 -18.89 -7.63 -3.76
CA VAL B 145 -18.04 -8.68 -4.31
C VAL B 145 -16.63 -8.21 -3.92
N GLU B 146 -15.87 -9.08 -3.29
CA GLU B 146 -14.48 -8.79 -2.81
C GLU B 146 -13.44 -8.67 -3.95
N GLY B 147 -12.76 -7.52 -3.99
CA GLY B 147 -11.78 -7.23 -5.02
C GLY B 147 -12.36 -6.56 -6.27
N MET B 148 -13.69 -6.55 -6.41
CA MET B 148 -14.33 -5.89 -7.53
C MET B 148 -14.24 -4.37 -7.47
N VAL B 149 -14.29 -3.79 -6.28
CA VAL B 149 -14.31 -2.32 -6.10
C VAL B 149 -13.16 -1.59 -6.81
N GLU B 150 -11.99 -2.21 -6.85
CA GLU B 150 -10.83 -1.64 -7.55
C GLU B 150 -11.06 -1.57 -9.06
N ILE B 151 -11.69 -2.61 -9.61
CA ILE B 151 -12.02 -2.67 -11.03
C ILE B 151 -13.18 -1.73 -11.34
N PHE B 152 -14.19 -1.73 -10.48
CA PHE B 152 -15.29 -0.74 -10.51
C PHE B 152 -14.76 0.70 -10.70
N ASP B 153 -13.81 1.09 -9.85
CA ASP B 153 -13.23 2.46 -9.88
C ASP B 153 -12.58 2.78 -11.20
N MET B 154 -11.80 1.82 -11.72
CA MET B 154 -11.15 1.98 -13.01
C MET B 154 -12.17 2.17 -14.14
N LEU B 155 -13.25 1.39 -14.12
CA LEU B 155 -14.32 1.51 -15.12
C LEU B 155 -15.01 2.88 -15.06
N LEU B 156 -15.28 3.37 -13.85
CA LEU B 156 -15.85 4.72 -13.64
C LEU B 156 -14.93 5.85 -14.13
N ALA B 157 -13.63 5.74 -13.89
CA ALA B 157 -12.66 6.74 -14.34
C ALA B 157 -12.62 6.83 -15.86
N THR B 158 -12.65 5.67 -16.52
CA THR B 158 -12.70 5.60 -17.98
C THR B 158 -13.98 6.20 -18.55
N SER B 159 -15.10 5.92 -17.90
CA SER B 159 -16.40 6.49 -18.29
C SER B 159 -16.38 8.00 -18.19
N SER B 160 -15.92 8.49 -17.04
CA SER B 160 -15.70 9.91 -16.78
C SER B 160 -14.79 10.56 -17.81
N ARG B 161 -13.73 9.85 -18.20
CA ARG B 161 -12.80 10.32 -19.23
C ARG B 161 -13.47 10.43 -20.61
N PHE B 162 -14.32 9.45 -20.97
CA PHE B 162 -15.10 9.53 -22.22
C PHE B 162 -16.12 10.67 -22.19
N ARG B 163 -16.70 10.94 -21.02
CA ARG B 163 -17.62 12.06 -20.82
C ARG B 163 -16.93 13.41 -21.03
N MET B 164 -15.73 13.57 -20.46
CA MET B 164 -14.92 14.79 -20.62
C MET B 164 -14.47 15.03 -22.07
N MET B 165 -14.17 13.95 -22.80
CA MET B 165 -13.81 14.04 -24.23
C MET B 165 -15.00 14.21 -25.18
N ASN B 166 -16.22 14.06 -24.67
CA ASN B 166 -17.45 14.10 -25.48
C ASN B 166 -17.38 13.07 -26.60
N LEU B 167 -17.08 11.83 -26.22
CA LEU B 167 -16.89 10.74 -27.17
C LEU B 167 -18.21 10.49 -27.89
N GLN B 168 -18.12 10.34 -29.20
CA GLN B 168 -19.28 10.16 -30.05
C GLN B 168 -19.48 8.70 -30.36
N GLY B 169 -20.72 8.33 -30.67
CA GLY B 169 -21.06 6.96 -31.03
C GLY B 169 -20.28 6.44 -32.23
N GLU B 170 -20.04 7.32 -33.20
CA GLU B 170 -19.26 6.96 -34.39
C GLU B 170 -17.81 6.64 -34.03
N GLU B 171 -17.24 7.42 -33.10
CA GLU B 171 -15.90 7.18 -32.59
C GLU B 171 -15.84 5.91 -31.74
N PHE B 172 -16.88 5.68 -30.95
CA PHE B 172 -17.00 4.49 -30.10
C PHE B 172 -16.88 3.19 -30.90
N VAL B 173 -17.70 3.06 -31.94
CA VAL B 173 -17.67 1.84 -32.78
C VAL B 173 -16.34 1.60 -33.48
N CYS B 174 -15.64 2.68 -33.84
CA CYS B 174 -14.29 2.56 -34.40
C CYS B 174 -13.31 2.03 -33.36
N LEU B 175 -13.39 2.54 -32.14
CA LEU B 175 -12.54 2.09 -31.04
C LEU B 175 -12.74 0.63 -30.69
N LYS B 176 -13.99 0.19 -30.70
CA LYS B 176 -14.34 -1.21 -30.45
C LYS B 176 -13.75 -2.18 -31.45
N SER B 177 -13.85 -1.82 -32.73
CA SER B 177 -13.24 -2.60 -33.80
C SER B 177 -11.71 -2.62 -33.71
N ILE B 178 -11.11 -1.50 -33.32
CA ILE B 178 -9.67 -1.44 -33.10
C ILE B 178 -9.26 -2.49 -32.06
N ILE B 179 -9.97 -2.50 -30.94
CA ILE B 179 -9.73 -3.45 -29.85
C ILE B 179 -9.74 -4.88 -30.36
N LEU B 180 -10.79 -5.23 -31.11
CA LEU B 180 -10.91 -6.57 -31.67
C LEU B 180 -9.72 -6.93 -32.55
N LEU B 181 -9.36 -6.02 -33.44
CA LEU B 181 -8.30 -6.29 -34.41
C LEU B 181 -6.90 -6.16 -33.82
N ASN B 182 -6.72 -5.24 -32.87
CA ASN B 182 -5.37 -4.96 -32.33
C ASN B 182 -4.92 -5.89 -31.19
N SER B 183 -5.83 -6.36 -30.37
CA SER B 183 -5.45 -6.97 -29.09
C SER B 183 -4.72 -8.32 -29.20
N GLY B 184 -5.04 -9.10 -30.23
CA GLY B 184 -4.42 -10.40 -30.46
C GLY B 184 -3.41 -10.44 -31.58
N LEU B 196 1.83 -14.19 -42.24
CA LEU B 196 2.36 -12.89 -42.64
C LEU B 196 1.35 -12.10 -43.46
N GLU B 197 0.62 -12.77 -44.36
CA GLU B 197 -0.42 -12.12 -45.16
C GLU B 197 -1.64 -11.73 -44.32
N GLU B 198 -1.98 -12.56 -43.33
CA GLU B 198 -3.06 -12.25 -42.39
C GLU B 198 -2.73 -11.06 -41.48
N LYS B 199 -1.47 -10.97 -41.06
CA LYS B 199 -1.00 -9.88 -40.20
C LYS B 199 -1.04 -8.52 -40.92
N ASP B 200 -0.54 -8.46 -42.15
CA ASP B 200 -0.55 -7.22 -42.92
C ASP B 200 -1.96 -6.78 -43.32
N HIS B 201 -2.84 -7.75 -43.58
CA HIS B 201 -4.26 -7.48 -43.81
C HIS B 201 -4.89 -6.75 -42.60
N ILE B 202 -4.62 -7.27 -41.40
CA ILE B 202 -5.08 -6.66 -40.17
C ILE B 202 -4.53 -5.23 -40.02
N HIS B 203 -3.24 -5.04 -40.32
CA HIS B 203 -2.62 -3.71 -40.24
C HIS B 203 -3.22 -2.69 -41.22
N ARG B 204 -3.58 -3.15 -42.42
CA ARG B 204 -4.27 -2.29 -43.39
C ARG B 204 -5.68 -1.91 -42.94
N VAL B 205 -6.43 -2.87 -42.40
CA VAL B 205 -7.76 -2.57 -41.84
C VAL B 205 -7.66 -1.53 -40.72
N LEU B 206 -6.69 -1.70 -39.83
CA LEU B 206 -6.41 -0.71 -38.75
C LEU B 206 -6.05 0.68 -39.30
N ASP B 207 -5.29 0.73 -40.40
CA ASP B 207 -5.03 2.01 -41.10
C ASP B 207 -6.32 2.66 -41.62
N LYS B 208 -7.22 1.84 -42.17
CA LYS B 208 -8.51 2.34 -42.63
C LYS B 208 -9.40 2.88 -41.50
N ILE B 209 -9.38 2.22 -40.34
CA ILE B 209 -10.13 2.71 -39.17
C ILE B 209 -9.54 4.02 -38.65
N THR B 210 -8.22 4.14 -38.66
CA THR B 210 -7.55 5.41 -38.35
C THR B 210 -8.02 6.53 -39.27
N ASP B 211 -7.96 6.29 -40.58
CA ASP B 211 -8.46 7.25 -41.60
C ASP B 211 -9.89 7.68 -41.30
N THR B 212 -10.74 6.69 -41.02
CA THR B 212 -12.13 6.92 -40.65
C THR B 212 -12.25 7.82 -39.42
N LEU B 213 -11.45 7.55 -38.39
CA LEU B 213 -11.45 8.40 -37.19
C LEU B 213 -11.07 9.84 -37.50
N ILE B 214 -10.04 10.03 -38.33
CA ILE B 214 -9.61 11.38 -38.71
C ILE B 214 -10.70 12.09 -39.50
N HIS B 215 -11.34 11.37 -40.43
CA HIS B 215 -12.42 11.94 -41.26
C HIS B 215 -13.61 12.45 -40.42
N LEU B 216 -14.01 11.67 -39.42
CA LEU B 216 -15.10 12.06 -38.51
C LEU B 216 -14.75 13.36 -37.77
N MET B 217 -13.48 13.48 -37.34
CA MET B 217 -13.00 14.68 -36.66
C MET B 217 -12.88 15.89 -37.60
N ALA B 218 -12.45 15.67 -38.84
CA ALA B 218 -12.40 16.73 -39.86
C ALA B 218 -13.80 17.19 -40.27
N LYS B 219 -14.70 16.23 -40.46
CA LYS B 219 -16.12 16.51 -40.73
C LYS B 219 -16.80 17.22 -39.55
N ALA B 220 -16.41 16.86 -38.32
CA ALA B 220 -16.90 17.55 -37.11
C ALA B 220 -16.37 18.98 -36.97
N GLY B 221 -15.29 19.30 -37.69
CA GLY B 221 -14.77 20.67 -37.81
C GLY B 221 -13.45 20.93 -37.11
N LEU B 222 -12.82 19.89 -36.57
CA LEU B 222 -11.57 20.05 -35.80
C LEU B 222 -10.41 20.34 -36.75
N THR B 223 -9.48 21.18 -36.28
CA THR B 223 -8.27 21.50 -37.04
C THR B 223 -7.35 20.28 -37.09
N LEU B 224 -6.42 20.27 -38.05
CA LEU B 224 -5.44 19.18 -38.20
C LEU B 224 -4.67 18.90 -36.90
N GLN B 225 -4.33 19.95 -36.17
CA GLN B 225 -3.66 19.81 -34.87
C GLN B 225 -4.58 19.11 -33.85
N GLN B 226 -5.81 19.60 -33.75
CA GLN B 226 -6.83 19.01 -32.86
C GLN B 226 -7.18 17.57 -33.24
N GLN B 227 -7.12 17.25 -34.53
CA GLN B 227 -7.42 15.91 -35.02
C GLN B 227 -6.40 14.88 -34.55
N HIS B 228 -5.10 15.20 -34.68
CA HIS B 228 -4.08 14.24 -34.28
C HIS B 228 -3.98 14.11 -32.76
N GLN B 229 -4.26 15.19 -32.04
CA GLN B 229 -4.32 15.15 -30.55
C GLN B 229 -5.44 14.29 -30.01
N ARG B 230 -6.64 14.45 -30.59
CA ARG B 230 -7.80 13.67 -30.19
C ARG B 230 -7.63 12.18 -30.53
N LEU B 231 -7.11 11.90 -31.74
CA LEU B 231 -6.75 10.54 -32.13
C LEU B 231 -5.83 9.86 -31.14
N ALA B 232 -4.79 10.57 -30.71
CA ALA B 232 -3.86 10.03 -29.73
C ALA B 232 -4.51 9.81 -28.36
N GLN B 233 -5.34 10.77 -27.93
CA GLN B 233 -6.07 10.68 -26.66
C GLN B 233 -6.97 9.44 -26.61
N LEU B 234 -7.69 9.18 -27.70
CA LEU B 234 -8.57 8.01 -27.79
C LEU B 234 -7.80 6.69 -27.77
N LEU B 235 -6.66 6.66 -28.47
CA LEU B 235 -5.84 5.47 -28.53
C LEU B 235 -5.07 5.20 -27.23
N LEU B 236 -4.65 6.24 -26.52
CA LEU B 236 -4.05 6.08 -25.19
C LEU B 236 -5.00 5.49 -24.14
N ILE B 237 -6.27 5.85 -24.23
CA ILE B 237 -7.31 5.26 -23.38
C ILE B 237 -7.40 3.74 -23.57
N LEU B 238 -7.09 3.25 -24.77
CA LEU B 238 -7.10 1.82 -25.04
C LEU B 238 -6.05 1.04 -24.26
N SER B 239 -4.93 1.67 -23.88
CA SER B 239 -3.96 1.02 -23.00
C SER B 239 -4.54 0.79 -21.58
N HIS B 240 -5.33 1.75 -21.09
CA HIS B 240 -5.99 1.60 -19.77
C HIS B 240 -7.07 0.51 -19.83
N ILE B 241 -7.74 0.41 -20.97
CA ILE B 241 -8.73 -0.65 -21.20
C ILE B 241 -8.09 -2.03 -21.21
N ARG B 242 -6.90 -2.14 -21.80
CA ARG B 242 -6.14 -3.38 -21.74
C ARG B 242 -5.75 -3.72 -20.31
N HIS B 243 -5.27 -2.71 -19.58
CA HIS B 243 -4.90 -2.88 -18.17
C HIS B 243 -6.07 -3.39 -17.33
N MET B 244 -7.21 -2.71 -17.45
CA MET B 244 -8.46 -3.10 -16.79
C MET B 244 -8.88 -4.52 -17.13
N SER B 245 -8.71 -4.89 -18.40
CA SER B 245 -9.04 -6.22 -18.89
C SER B 245 -8.15 -7.31 -18.28
N ASN B 246 -6.86 -7.00 -18.10
CA ASN B 246 -5.93 -7.94 -17.44
C ASN B 246 -6.21 -8.05 -15.94
N LYS B 247 -6.51 -6.93 -15.29
CA LYS B 247 -6.94 -6.94 -13.89
C LYS B 247 -8.26 -7.71 -13.76
N GLY B 248 -9.19 -7.47 -14.68
CA GLY B 248 -10.47 -8.18 -14.74
C GLY B 248 -10.34 -9.69 -14.79
N MET B 249 -9.46 -10.17 -15.68
CA MET B 249 -9.18 -11.61 -15.80
C MET B 249 -8.64 -12.21 -14.52
N GLU B 250 -7.63 -11.57 -13.95
CA GLU B 250 -7.06 -11.99 -12.67
C GLU B 250 -8.14 -12.09 -11.60
N HIS B 251 -9.01 -11.08 -11.54
CA HIS B 251 -10.11 -11.07 -10.58
C HIS B 251 -11.14 -12.19 -10.84
N LEU B 252 -11.45 -12.43 -12.11
CA LEU B 252 -12.37 -13.51 -12.50
C LEU B 252 -11.82 -14.91 -12.19
N TYR B 253 -10.52 -15.12 -12.42
CA TYR B 253 -9.87 -16.41 -12.10
C TYR B 253 -9.72 -16.65 -10.60
N SER B 254 -9.60 -15.58 -9.81
CA SER B 254 -9.63 -15.68 -8.35
C SER B 254 -10.93 -16.30 -7.79
N MET B 255 -12.04 -16.13 -8.51
CA MET B 255 -13.34 -16.70 -8.11
C MET B 255 -13.63 -18.01 -8.87
N LYS B 256 -13.59 -17.95 -10.20
CA LYS B 256 -13.77 -19.12 -11.07
C LYS B 256 -12.42 -19.67 -11.54
N SER B 263 -13.35 -20.24 -22.95
CA SER B 263 -12.23 -20.95 -23.55
C SER B 263 -12.13 -20.77 -25.07
N TYR B 264 -11.00 -21.24 -25.62
CA TYR B 264 -10.75 -21.27 -27.07
C TYR B 264 -11.79 -22.13 -27.78
N ASP B 265 -12.01 -23.33 -27.25
CA ASP B 265 -12.95 -24.30 -27.82
C ASP B 265 -14.38 -23.76 -27.85
N LEU B 266 -14.79 -23.13 -26.75
CA LEU B 266 -16.12 -22.50 -26.65
C LEU B 266 -16.32 -21.43 -27.71
N LEU B 267 -15.34 -20.54 -27.85
CA LEU B 267 -15.41 -19.46 -28.85
C LEU B 267 -15.36 -19.97 -30.30
N LEU B 268 -14.61 -21.04 -30.55
CA LEU B 268 -14.56 -21.68 -31.87
C LEU B 268 -15.86 -22.41 -32.22
N GLU B 269 -16.52 -22.98 -31.22
CA GLU B 269 -17.85 -23.58 -31.40
C GLU B 269 -18.88 -22.51 -31.78
N MET B 270 -18.91 -21.41 -31.03
CA MET B 270 -19.86 -20.31 -31.27
C MET B 270 -19.66 -19.64 -32.63
N LEU B 271 -18.40 -19.43 -33.03
CA LEU B 271 -18.07 -18.79 -34.31
C LEU B 271 -18.58 -19.55 -35.54
N ASP B 272 -18.50 -20.88 -35.50
CA ASP B 272 -18.96 -21.74 -36.61
C ASP B 272 -20.47 -21.60 -36.90
N ALA B 273 -21.25 -21.34 -35.85
CA ALA B 273 -22.70 -21.09 -35.99
C ALA B 273 -22.93 -19.74 -36.67
N LEU C 35 8.13 23.99 19.56
CA LEU C 35 9.36 23.85 20.41
C LEU C 35 9.63 25.09 21.27
N SER C 36 9.10 26.26 20.87
CA SER C 36 9.21 27.48 21.67
C SER C 36 8.05 27.71 22.65
N LEU C 37 7.00 26.88 22.57
CA LEU C 37 5.83 27.02 23.43
C LEU C 37 6.16 26.63 24.87
N THR C 38 5.49 27.29 25.82
CA THR C 38 5.55 26.88 27.23
C THR C 38 4.58 25.72 27.46
N ALA C 39 4.64 25.13 28.66
CA ALA C 39 3.72 24.05 29.05
C ALA C 39 2.26 24.47 28.98
N ASP C 40 1.96 25.67 29.48
CA ASP C 40 0.59 26.23 29.46
C ASP C 40 0.10 26.55 28.06
N GLN C 41 0.99 27.01 27.19
CA GLN C 41 0.66 27.28 25.78
C GLN C 41 0.41 25.99 24.98
N MET C 42 1.14 24.94 25.31
CA MET C 42 0.93 23.62 24.72
C MET C 42 -0.47 23.11 25.06
N VAL C 43 -0.83 23.20 26.34
CA VAL C 43 -2.13 22.74 26.84
C VAL C 43 -3.27 23.51 26.15
N SER C 44 -3.16 24.83 26.16
CA SER C 44 -4.16 25.72 25.55
C SER C 44 -4.41 25.40 24.06
N ALA C 45 -3.32 25.16 23.32
CA ALA C 45 -3.41 24.80 21.91
C ALA C 45 -4.05 23.42 21.69
N LEU C 46 -3.69 22.43 22.52
CA LEU C 46 -4.29 21.09 22.41
C LEU C 46 -5.77 21.09 22.79
N LEU C 47 -6.13 21.86 23.83
CA LEU C 47 -7.53 22.03 24.23
C LEU C 47 -8.37 22.74 23.16
N ASP C 48 -7.79 23.76 22.53
CA ASP C 48 -8.43 24.44 21.38
C ASP C 48 -8.60 23.54 20.15
N ALA C 49 -7.66 22.65 19.92
CA ALA C 49 -7.70 21.70 18.78
C ALA C 49 -8.73 20.58 18.95
N GLU C 50 -9.15 20.32 20.18
CA GLU C 50 -10.03 19.20 20.50
C GLU C 50 -11.29 19.14 19.61
N PRO C 51 -11.54 17.98 18.94
CA PRO C 51 -12.70 17.88 18.05
C PRO C 51 -14.01 17.77 18.83
N PRO C 52 -15.14 18.04 18.15
CA PRO C 52 -16.44 17.97 18.82
C PRO C 52 -16.92 16.53 19.00
N ILE C 53 -17.78 16.32 19.99
CA ILE C 53 -18.45 15.03 20.18
C ILE C 53 -19.61 14.97 19.18
N LEU C 54 -19.69 13.88 18.42
CA LEU C 54 -20.71 13.69 17.39
C LEU C 54 -21.80 12.72 17.81
N TYR C 55 -22.91 12.75 17.09
CA TYR C 55 -24.05 11.86 17.31
C TYR C 55 -24.10 10.78 16.22
N SER C 56 -24.63 9.61 16.57
CA SER C 56 -24.93 8.57 15.57
C SER C 56 -26.19 8.96 14.81
N GLU C 57 -26.34 8.43 13.60
CA GLU C 57 -27.56 8.64 12.78
C GLU C 57 -28.59 7.56 13.07
N PRO C 63 -32.96 -2.65 18.98
CA PRO C 63 -32.61 -4.07 19.13
C PRO C 63 -31.21 -4.38 18.60
N PHE C 64 -30.96 -3.94 17.38
CA PHE C 64 -29.75 -4.15 16.58
C PHE C 64 -29.60 -5.55 15.99
N SER C 65 -29.22 -5.58 14.71
CA SER C 65 -28.64 -6.75 14.07
C SER C 65 -27.13 -6.50 13.94
N GLU C 66 -26.36 -7.56 13.74
CA GLU C 66 -24.90 -7.47 13.50
C GLU C 66 -24.45 -6.43 12.44
N ALA C 67 -25.16 -6.38 11.32
CA ALA C 67 -24.87 -5.45 10.23
C ALA C 67 -25.28 -4.02 10.57
N SER C 68 -26.49 -3.85 11.11
CA SER C 68 -27.02 -2.53 11.43
C SER C 68 -26.19 -1.80 12.49
N MET C 69 -25.72 -2.54 13.50
CA MET C 69 -24.86 -1.98 14.53
C MET C 69 -23.49 -1.59 13.95
N MET C 70 -22.92 -2.44 13.10
CA MET C 70 -21.65 -2.14 12.43
C MET C 70 -21.76 -0.97 11.45
N GLY C 71 -22.91 -0.87 10.77
CA GLY C 71 -23.19 0.26 9.89
C GLY C 71 -23.22 1.61 10.59
N LEU C 72 -23.90 1.66 11.73
CA LEU C 72 -23.99 2.88 12.55
C LEU C 72 -22.64 3.26 13.16
N LEU C 73 -21.89 2.27 13.63
CA LEU C 73 -20.56 2.51 14.19
C LEU C 73 -19.56 2.95 13.12
N THR C 74 -19.66 2.35 11.93
CA THR C 74 -18.80 2.70 10.80
C THR C 74 -19.09 4.12 10.27
N ASN C 75 -20.37 4.46 10.20
CA ASN C 75 -20.79 5.83 9.83
C ASN C 75 -20.23 6.87 10.79
N LEU C 76 -20.33 6.57 12.08
CA LEU C 76 -19.80 7.43 13.15
C LEU C 76 -18.30 7.58 13.08
N ALA C 77 -17.59 6.46 12.93
CA ALA C 77 -16.13 6.44 12.85
C ALA C 77 -15.58 7.25 11.67
N ASP C 78 -16.22 7.12 10.50
CA ASP C 78 -15.86 7.86 9.29
C ASP C 78 -16.04 9.39 9.46
N ARG C 79 -17.14 9.78 10.09
CA ARG C 79 -17.39 11.20 10.36
C ARG C 79 -16.40 11.78 11.37
N GLU C 80 -16.06 11.02 12.42
CA GLU C 80 -15.02 11.42 13.37
C GLU C 80 -13.65 11.55 12.74
N LEU C 81 -13.36 10.72 11.74
CA LEU C 81 -12.06 10.74 11.04
C LEU C 81 -11.81 12.04 10.28
N VAL C 82 -12.86 12.67 9.78
CA VAL C 82 -12.75 13.98 9.14
C VAL C 82 -12.32 15.03 10.17
N HIS C 83 -12.91 14.97 11.37
CA HIS C 83 -12.53 15.88 12.47
C HIS C 83 -11.15 15.61 13.04
N MET C 84 -10.72 14.35 12.99
CA MET C 84 -9.38 13.96 13.45
C MET C 84 -8.27 14.54 12.57
N ILE C 85 -8.46 14.53 11.25
CA ILE C 85 -7.49 15.12 10.31
C ILE C 85 -7.26 16.60 10.65
N ASN C 86 -8.36 17.33 10.88
CA ASN C 86 -8.28 18.74 11.26
C ASN C 86 -7.68 18.94 12.65
N TRP C 87 -7.97 18.04 13.59
CA TRP C 87 -7.32 18.06 14.91
C TRP C 87 -5.80 17.87 14.79
N ALA C 88 -5.39 16.89 13.98
CA ALA C 88 -3.99 16.54 13.80
C ALA C 88 -3.16 17.70 13.25
N LYS C 89 -3.74 18.45 12.31
CA LYS C 89 -3.08 19.64 11.75
C LYS C 89 -2.84 20.76 12.78
N ARG C 90 -3.60 20.76 13.87
CA ARG C 90 -3.45 21.73 14.95
C ARG C 90 -2.68 21.20 16.18
N VAL C 91 -2.09 20.01 16.08
CA VAL C 91 -1.15 19.52 17.08
C VAL C 91 0.21 20.16 16.76
N PRO C 92 0.77 20.96 17.71
CA PRO C 92 2.04 21.63 17.41
C PRO C 92 3.17 20.65 17.07
N GLY C 93 3.85 20.88 15.94
CA GLY C 93 4.88 19.98 15.43
C GLY C 93 4.46 19.17 14.23
N PHE C 94 3.18 18.79 14.16
CA PHE C 94 2.67 17.88 13.14
C PHE C 94 2.66 18.49 11.73
N VAL C 95 2.29 19.76 11.63
CA VAL C 95 2.21 20.46 10.34
C VAL C 95 3.60 20.74 9.74
N ASP C 96 4.65 20.78 10.57
CA ASP C 96 6.04 20.95 10.09
C ASP C 96 6.54 19.76 9.26
N LEU C 97 5.97 18.58 9.50
CA LEU C 97 6.36 17.37 8.78
C LEU C 97 5.86 17.40 7.34
N THR C 98 6.45 16.53 6.51
CA THR C 98 6.01 16.37 5.13
C THR C 98 4.62 15.71 5.09
N SER C 99 3.91 15.91 3.98
CA SER C 99 2.59 15.32 3.80
C SER C 99 2.61 13.80 3.83
N HIS C 100 3.66 13.19 3.26
CA HIS C 100 3.85 11.75 3.32
C HIS C 100 3.94 11.24 4.77
N ASP C 101 4.75 11.92 5.59
CA ASP C 101 4.94 11.55 6.99
C ASP C 101 3.70 11.81 7.85
N GLN C 102 2.94 12.87 7.54
CA GLN C 102 1.67 13.11 8.23
C GLN C 102 0.67 11.98 7.97
N VAL C 103 0.60 11.52 6.73
CA VAL C 103 -0.28 10.39 6.36
C VAL C 103 0.15 9.11 7.09
N HIS C 104 1.46 8.86 7.16
CA HIS C 104 2.01 7.67 7.83
C HIS C 104 1.68 7.63 9.32
N LEU C 105 1.87 8.76 10.01
CA LEU C 105 1.51 8.84 11.44
C LEU C 105 0.03 8.59 11.67
N LEU C 106 -0.81 9.18 10.82
CA LEU C 106 -2.27 9.01 10.93
C LEU C 106 -2.72 7.60 10.55
N GLU C 107 -2.10 7.00 9.53
CA GLU C 107 -2.40 5.63 9.14
C GLU C 107 -2.11 4.64 10.29
N CYS C 108 -1.01 4.86 11.00
CA CYS C 108 -0.66 4.03 12.15
C CYS C 108 -1.51 4.28 13.40
N ALA C 109 -1.98 5.51 13.58
CA ALA C 109 -2.59 5.95 14.85
C ALA C 109 -4.11 6.10 14.87
N TRP C 110 -4.78 6.11 13.72
CA TRP C 110 -6.21 6.54 13.66
C TRP C 110 -7.15 5.76 14.59
N LEU C 111 -6.99 4.44 14.68
CA LEU C 111 -7.84 3.61 15.52
C LEU C 111 -7.48 3.75 17.00
N GLU C 112 -6.18 3.88 17.33
CA GLU C 112 -5.77 4.22 18.68
C GLU C 112 -6.39 5.54 19.15
N ILE C 113 -6.35 6.56 18.27
CA ILE C 113 -6.94 7.87 18.57
C ILE C 113 -8.46 7.78 18.75
N LEU C 114 -9.14 7.08 17.85
CA LEU C 114 -10.60 6.82 18.03
C LEU C 114 -10.90 6.14 19.36
N MET C 115 -10.05 5.17 19.74
CA MET C 115 -10.25 4.39 20.96
C MET C 115 -9.99 5.16 22.26
N ILE C 116 -8.94 5.97 22.31
CA ILE C 116 -8.69 6.78 23.51
C ILE C 116 -9.78 7.85 23.68
N GLY C 117 -10.28 8.40 22.57
CA GLY C 117 -11.43 9.30 22.60
C GLY C 117 -12.68 8.66 23.20
N LEU C 118 -13.03 7.48 22.70
CA LEU C 118 -14.16 6.69 23.20
C LEU C 118 -14.04 6.39 24.69
N VAL C 119 -12.88 5.87 25.07
CA VAL C 119 -12.59 5.51 26.45
C VAL C 119 -12.69 6.72 27.39
N TRP C 120 -12.17 7.87 26.96
CA TRP C 120 -12.27 9.13 27.69
C TRP C 120 -13.71 9.58 27.95
N ARG C 121 -14.55 9.62 26.92
CA ARG C 121 -15.94 10.05 27.09
C ARG C 121 -16.83 8.99 27.76
N SER C 122 -16.34 7.76 27.92
CA SER C 122 -17.04 6.71 28.66
C SER C 122 -16.69 6.66 30.17
N MET C 123 -15.71 7.45 30.61
CA MET C 123 -15.23 7.44 32.02
C MET C 123 -16.36 7.56 33.04
N GLU C 124 -17.29 8.47 32.78
CA GLU C 124 -18.39 8.75 33.71
C GLU C 124 -19.60 7.81 33.54
N HIS C 125 -19.46 6.74 32.74
CA HIS C 125 -20.50 5.72 32.58
C HIS C 125 -19.93 4.30 32.76
N PRO C 126 -19.61 3.92 34.02
CA PRO C 126 -19.08 2.58 34.36
C PRO C 126 -19.91 1.43 33.76
N GLY C 127 -19.24 0.46 33.16
CA GLY C 127 -19.90 -0.65 32.48
C GLY C 127 -20.53 -0.33 31.13
N LYS C 128 -20.28 0.87 30.59
CA LYS C 128 -20.86 1.30 29.31
C LYS C 128 -19.84 2.06 28.47
N LEU C 129 -20.01 2.00 27.15
CA LEU C 129 -19.21 2.77 26.20
C LEU C 129 -20.10 3.82 25.55
N LEU C 130 -19.69 5.08 25.67
CA LEU C 130 -20.42 6.19 25.07
C LEU C 130 -19.84 6.47 23.68
N PHE C 131 -20.32 5.71 22.71
CA PHE C 131 -19.90 5.90 21.31
C PHE C 131 -20.35 7.28 20.83
N ALA C 132 -21.60 7.61 21.16
CA ALA C 132 -22.15 8.94 20.99
C ALA C 132 -23.11 9.22 22.16
N PRO C 133 -23.55 10.50 22.33
CA PRO C 133 -24.53 10.80 23.38
C PRO C 133 -25.88 10.10 23.19
N ASN C 134 -26.21 9.76 21.94
CA ASN C 134 -27.41 8.97 21.60
C ASN C 134 -27.08 7.50 21.31
N LEU C 135 -25.94 7.00 21.80
CA LEU C 135 -25.50 5.64 21.53
C LEU C 135 -24.60 5.15 22.65
N LEU C 136 -25.20 4.97 23.83
CA LEU C 136 -24.53 4.46 25.01
C LEU C 136 -24.79 2.96 25.06
N LEU C 137 -23.72 2.18 24.94
CA LEU C 137 -23.82 0.71 24.82
C LEU C 137 -23.13 0.02 25.99
N ASP C 138 -23.86 -0.93 26.62
CA ASP C 138 -23.26 -1.78 27.65
C ASP C 138 -22.59 -3.01 27.04
N ARG C 139 -21.88 -3.77 27.87
CA ARG C 139 -21.17 -4.99 27.47
C ARG C 139 -22.04 -6.00 26.70
N ASN C 140 -23.28 -6.18 27.12
CA ASN C 140 -24.18 -7.20 26.55
C ASN C 140 -24.58 -6.90 25.09
N GLN C 141 -24.68 -5.61 24.74
CA GLN C 141 -24.98 -5.20 23.37
C GLN C 141 -23.79 -5.37 22.42
N GLY C 142 -22.58 -5.45 22.98
CA GLY C 142 -21.39 -5.83 22.21
C GLY C 142 -21.42 -7.25 21.66
N LYS C 143 -22.14 -8.14 22.35
CA LYS C 143 -22.32 -9.53 21.91
C LYS C 143 -23.08 -9.65 20.57
N CYS C 144 -23.88 -8.64 20.23
CA CYS C 144 -24.62 -8.57 18.95
C CYS C 144 -23.74 -8.73 17.70
N VAL C 145 -22.51 -8.22 17.77
CA VAL C 145 -21.53 -8.33 16.70
C VAL C 145 -20.56 -9.39 17.24
N GLU C 146 -20.31 -10.40 16.43
CA GLU C 146 -19.41 -11.55 16.79
C GLU C 146 -17.92 -11.18 16.86
N GLY C 147 -17.31 -11.45 18.01
CA GLY C 147 -15.91 -11.11 18.27
C GLY C 147 -15.68 -9.71 18.82
N MET C 148 -16.71 -8.85 18.78
CA MET C 148 -16.60 -7.50 19.32
C MET C 148 -16.52 -7.48 20.86
N VAL C 149 -17.21 -8.40 21.52
CA VAL C 149 -17.31 -8.43 22.98
C VAL C 149 -15.96 -8.44 23.70
N GLU C 150 -14.96 -9.10 23.12
CA GLU C 150 -13.61 -9.14 23.67
C GLU C 150 -12.96 -7.76 23.63
N ILE C 151 -13.17 -7.04 22.55
CA ILE C 151 -12.64 -5.69 22.37
C ILE C 151 -13.40 -4.70 23.26
N PHE C 152 -14.73 -4.85 23.30
CA PHE C 152 -15.59 -4.13 24.24
C PHE C 152 -15.04 -4.16 25.67
N ASP C 153 -14.73 -5.38 26.17
CA ASP C 153 -14.23 -5.58 27.53
C ASP C 153 -12.93 -4.84 27.79
N MET C 154 -12.02 -4.92 26.82
CA MET C 154 -10.75 -4.21 26.91
C MET C 154 -10.94 -2.69 26.99
N LEU C 155 -11.86 -2.15 26.20
CA LEU C 155 -12.17 -0.72 26.22
C LEU C 155 -12.75 -0.28 27.57
N LEU C 156 -13.65 -1.10 28.12
CA LEU C 156 -14.21 -0.84 29.46
C LEU C 156 -13.17 -0.87 30.60
N ALA C 157 -12.23 -1.82 30.52
CA ALA C 157 -11.16 -1.93 31.53
C ALA C 157 -10.27 -0.68 31.52
N THR C 158 -9.95 -0.21 30.32
CA THR C 158 -9.16 1.01 30.14
C THR C 158 -9.88 2.24 30.67
N SER C 159 -11.18 2.32 30.41
CA SER C 159 -12.00 3.42 30.91
C SER C 159 -12.02 3.43 32.43
N SER C 160 -12.29 2.25 33.00
CA SER C 160 -12.21 2.04 34.45
C SER C 160 -10.85 2.42 35.04
N ARG C 161 -9.78 2.08 34.33
CA ARG C 161 -8.42 2.43 34.76
C ARG C 161 -8.19 3.95 34.74
N PHE C 162 -8.70 4.66 33.72
CA PHE C 162 -8.64 6.13 33.69
C PHE C 162 -9.48 6.76 34.80
N ARG C 163 -10.61 6.15 35.14
CA ARG C 163 -11.45 6.59 36.26
C ARG C 163 -10.73 6.47 37.61
N MET C 164 -10.06 5.34 37.83
CA MET C 164 -9.27 5.09 39.04
C MET C 164 -8.07 6.04 39.19
N MET C 165 -7.44 6.41 38.07
CA MET C 165 -6.32 7.38 38.08
C MET C 165 -6.76 8.85 38.14
N ASN C 166 -8.07 9.10 38.01
CA ASN C 166 -8.64 10.45 37.98
C ASN C 166 -7.98 11.27 36.88
N LEU C 167 -7.98 10.71 35.67
CA LEU C 167 -7.32 11.31 34.52
C LEU C 167 -8.02 12.63 34.19
N GLN C 168 -7.21 13.66 33.95
CA GLN C 168 -7.71 15.00 33.69
C GLN C 168 -7.74 15.25 32.19
N GLY C 169 -8.60 16.17 31.79
CA GLY C 169 -8.73 16.58 30.40
C GLY C 169 -7.43 17.09 29.79
N GLU C 170 -6.66 17.83 30.60
CA GLU C 170 -5.37 18.36 30.16
C GLU C 170 -4.38 17.23 29.90
N GLU C 171 -4.40 16.20 30.75
CA GLU C 171 -3.57 15.00 30.56
C GLU C 171 -4.03 14.18 29.36
N PHE C 172 -5.35 14.09 29.18
CA PHE C 172 -5.95 13.38 28.05
C PHE C 172 -5.44 13.89 26.70
N VAL C 173 -5.54 15.19 26.47
CA VAL C 173 -5.10 15.78 25.20
C VAL C 173 -3.61 15.61 24.93
N CYS C 174 -2.79 15.60 25.98
CA CYS C 174 -1.37 15.30 25.84
C CYS C 174 -1.15 13.84 25.41
N LEU C 175 -1.88 12.92 26.01
CA LEU C 175 -1.78 11.50 25.66
C LEU C 175 -2.20 11.22 24.22
N LYS C 176 -3.25 11.89 23.76
CA LYS C 176 -3.72 11.79 22.39
C LYS C 176 -2.70 12.22 21.35
N SER C 177 -2.06 13.36 21.61
CA SER C 177 -0.98 13.85 20.76
C SER C 177 0.23 12.93 20.76
N ILE C 178 0.55 12.35 21.92
CA ILE C 178 1.63 11.37 22.02
C ILE C 178 1.37 10.21 21.07
N ILE C 179 0.14 9.67 21.11
CA ILE C 179 -0.28 8.57 20.26
C ILE C 179 -0.05 8.88 18.79
N LEU C 180 -0.51 10.05 18.37
CA LEU C 180 -0.34 10.50 17.00
C LEU C 180 1.12 10.54 16.59
N LEU C 181 1.95 11.15 17.44
CA LEU C 181 3.35 11.36 17.11
C LEU C 181 4.19 10.10 17.32
N ASN C 182 3.86 9.28 18.30
CA ASN C 182 4.69 8.12 18.67
C ASN C 182 4.42 6.84 17.86
N SER C 183 3.18 6.62 17.45
CA SER C 183 2.80 5.29 16.96
C SER C 183 3.42 4.89 15.61
N GLY C 184 3.69 5.86 14.74
CA GLY C 184 4.30 5.61 13.44
C GLY C 184 5.76 5.99 13.33
N VAL C 185 6.32 6.62 14.36
CA VAL C 185 7.68 7.22 14.26
C VAL C 185 8.80 6.19 14.06
N TYR C 186 8.64 5.00 14.64
CA TYR C 186 9.67 3.95 14.57
C TYR C 186 9.79 3.26 13.21
N THR C 187 8.68 3.18 12.46
CA THR C 187 8.66 2.53 11.13
C THR C 187 8.83 3.50 9.95
N THR C 192 18.21 8.29 5.06
CA THR C 192 18.52 9.58 4.44
C THR C 192 18.44 10.74 5.44
N LEU C 193 18.93 11.91 5.01
CA LEU C 193 18.95 13.11 5.86
C LEU C 193 17.56 13.62 6.21
N LYS C 194 16.66 13.63 5.24
CA LYS C 194 15.30 14.16 5.39
C LYS C 194 14.54 13.46 6.52
N SER C 195 14.44 12.13 6.42
CA SER C 195 13.74 11.31 7.42
C SER C 195 14.38 11.34 8.80
N LEU C 196 15.71 11.45 8.85
CA LEU C 196 16.46 11.57 10.11
C LEU C 196 16.19 12.89 10.82
N GLU C 197 16.11 13.98 10.06
CA GLU C 197 15.73 15.29 10.60
C GLU C 197 14.26 15.33 11.03
N GLU C 198 13.39 14.65 10.28
CA GLU C 198 11.97 14.52 10.63
C GLU C 198 11.75 13.67 11.90
N LYS C 199 12.56 12.63 12.06
CA LYS C 199 12.48 11.74 13.24
C LYS C 199 12.88 12.46 14.53
N ASP C 200 14.01 13.19 14.49
CA ASP C 200 14.47 13.93 15.68
C ASP C 200 13.54 15.11 16.04
N HIS C 201 12.94 15.73 15.02
CA HIS C 201 11.91 16.74 15.25
C HIS C 201 10.73 16.17 16.03
N ILE C 202 10.25 15.01 15.63
CA ILE C 202 9.18 14.30 16.33
C ILE C 202 9.58 13.98 17.77
N HIS C 203 10.82 13.51 17.96
CA HIS C 203 11.32 13.19 19.32
C HIS C 203 11.41 14.41 20.23
N ARG C 204 11.77 15.57 19.68
CA ARG C 204 11.78 16.82 20.45
C ARG C 204 10.37 17.27 20.83
N VAL C 205 9.42 17.18 19.91
CA VAL C 205 8.02 17.49 20.21
C VAL C 205 7.50 16.60 21.34
N LEU C 206 7.78 15.30 21.26
CA LEU C 206 7.44 14.34 22.33
C LEU C 206 8.07 14.69 23.68
N ASP C 207 9.32 15.15 23.66
CA ASP C 207 9.97 15.68 24.88
C ASP C 207 9.22 16.87 25.47
N LYS C 208 8.75 17.77 24.61
CA LYS C 208 7.95 18.92 25.06
C LYS C 208 6.60 18.52 25.66
N ILE C 209 5.95 17.51 25.08
CA ILE C 209 4.68 17.01 25.64
C ILE C 209 4.92 16.33 27.00
N THR C 210 6.03 15.61 27.13
CA THR C 210 6.42 15.05 28.43
C THR C 210 6.60 16.14 29.47
N ASP C 211 7.38 17.18 29.15
CA ASP C 211 7.56 18.35 30.02
C ASP C 211 6.23 18.94 30.45
N THR C 212 5.33 19.12 29.48
CA THR C 212 3.98 19.62 29.72
C THR C 212 3.23 18.72 30.71
N LEU C 213 3.30 17.41 30.52
CA LEU C 213 2.65 16.45 31.45
C LEU C 213 3.20 16.59 32.88
N ILE C 214 4.51 16.72 33.01
CA ILE C 214 5.14 16.87 34.33
C ILE C 214 4.71 18.19 34.98
N HIS C 215 4.66 19.27 34.19
CA HIS C 215 4.25 20.58 34.68
C HIS C 215 2.82 20.60 35.23
N LEU C 216 1.90 19.94 34.53
CA LEU C 216 0.52 19.81 34.99
C LEU C 216 0.44 19.08 36.33
N MET C 217 1.25 18.04 36.49
CA MET C 217 1.32 17.28 37.74
C MET C 217 1.96 18.07 38.88
N ALA C 218 3.01 18.85 38.57
CA ALA C 218 3.65 19.72 39.56
C ALA C 218 2.73 20.88 39.98
N LYS C 219 2.05 21.47 39.00
CA LYS C 219 1.02 22.50 39.24
C LYS C 219 -0.16 21.95 40.03
N ALA C 220 -0.53 20.69 39.77
CA ALA C 220 -1.59 20.01 40.53
C ALA C 220 -1.19 19.68 41.97
N GLY C 221 0.12 19.70 42.25
CA GLY C 221 0.65 19.59 43.61
C GLY C 221 1.37 18.29 43.94
N LEU C 222 1.56 17.43 42.95
CA LEU C 222 2.19 16.12 43.17
C LEU C 222 3.68 16.27 43.42
N THR C 223 4.23 15.43 44.30
CA THR C 223 5.67 15.40 44.57
C THR C 223 6.42 14.85 43.36
N LEU C 224 7.72 15.14 43.28
CA LEU C 224 8.58 14.64 42.20
C LEU C 224 8.50 13.13 42.03
N GLN C 225 8.42 12.39 43.13
CA GLN C 225 8.25 10.94 43.10
C GLN C 225 6.90 10.56 42.48
N GLN C 226 5.83 11.19 42.95
CA GLN C 226 4.48 10.97 42.43
C GLN C 226 4.35 11.38 40.96
N GLN C 227 5.10 12.38 40.54
CA GLN C 227 5.08 12.88 39.17
C GLN C 227 5.63 11.85 38.19
N HIS C 228 6.79 11.27 38.49
CA HIS C 228 7.39 10.30 37.59
C HIS C 228 6.63 8.98 37.57
N GLN C 229 6.02 8.61 38.70
CA GLN C 229 5.16 7.40 38.78
C GLN C 229 3.88 7.52 37.96
N ARG C 230 3.22 8.67 38.07
CA ARG C 230 2.00 8.93 37.29
C ARG C 230 2.29 9.01 35.80
N LEU C 231 3.38 9.70 35.43
CA LEU C 231 3.84 9.75 34.04
C LEU C 231 4.04 8.35 33.45
N ALA C 232 4.69 7.47 34.21
CA ALA C 232 4.91 6.09 33.77
C ALA C 232 3.60 5.30 33.65
N GLN C 233 2.72 5.48 34.64
CA GLN C 233 1.40 4.82 34.63
C GLN C 233 0.59 5.19 33.39
N LEU C 234 0.58 6.47 33.04
CA LEU C 234 -0.15 6.94 31.86
C LEU C 234 0.45 6.40 30.55
N LEU C 235 1.77 6.35 30.48
CA LEU C 235 2.46 5.87 29.30
C LEU C 235 2.39 4.34 29.14
N LEU C 236 2.36 3.59 30.25
CA LEU C 236 2.12 2.14 30.20
C LEU C 236 0.75 1.76 29.67
N ILE C 237 -0.27 2.57 30.02
CA ILE C 237 -1.61 2.40 29.48
C ILE C 237 -1.62 2.51 27.94
N LEU C 238 -0.72 3.30 27.37
CA LEU C 238 -0.61 3.42 25.92
C LEU C 238 -0.20 2.15 25.21
N SER C 239 0.51 1.25 25.89
CA SER C 239 0.79 -0.08 25.32
C SER C 239 -0.48 -0.93 25.20
N HIS C 240 -1.37 -0.83 26.18
CA HIS C 240 -2.67 -1.55 26.14
C HIS C 240 -3.56 -0.97 25.01
N ILE C 241 -3.47 0.35 24.82
CA ILE C 241 -4.20 1.02 23.73
C ILE C 241 -3.71 0.57 22.36
N ARG C 242 -2.39 0.38 22.22
CA ARG C 242 -1.84 -0.19 21.01
C ARG C 242 -2.33 -1.61 20.78
N HIS C 243 -2.31 -2.42 21.84
CA HIS C 243 -2.80 -3.80 21.79
C HIS C 243 -4.25 -3.88 21.34
N MET C 244 -5.11 -3.08 21.98
CA MET C 244 -6.52 -2.97 21.62
C MET C 244 -6.72 -2.55 20.17
N SER C 245 -5.88 -1.62 19.73
CA SER C 245 -5.92 -1.12 18.34
C SER C 245 -5.54 -2.20 17.34
N ASN C 246 -4.57 -3.04 17.66
CA ASN C 246 -4.19 -4.17 16.80
C ASN C 246 -5.25 -5.28 16.79
N LYS C 247 -5.84 -5.57 17.96
CA LYS C 247 -6.97 -6.47 18.03
C LYS C 247 -8.16 -5.91 17.25
N GLY C 248 -8.41 -4.61 17.39
CA GLY C 248 -9.45 -3.91 16.63
C GLY C 248 -9.34 -4.06 15.13
N MET C 249 -8.13 -3.85 14.61
CA MET C 249 -7.84 -4.02 13.18
C MET C 249 -8.10 -5.43 12.70
N GLU C 250 -7.56 -6.41 13.42
CA GLU C 250 -7.80 -7.83 13.11
C GLU C 250 -9.29 -8.11 13.06
N HIS C 251 -10.04 -7.60 14.04
CA HIS C 251 -11.50 -7.80 14.07
C HIS C 251 -12.21 -7.10 12.90
N LEU C 252 -11.77 -5.90 12.55
CA LEU C 252 -12.33 -5.17 11.40
C LEU C 252 -12.06 -5.86 10.06
N TYR C 253 -10.86 -6.40 9.88
CA TYR C 253 -10.50 -7.14 8.65
C TYR C 253 -11.21 -8.50 8.54
N SER C 254 -11.54 -9.12 9.68
CA SER C 254 -12.37 -10.33 9.70
C SER C 254 -13.76 -10.14 9.08
N MET C 255 -14.30 -8.91 9.14
CA MET C 255 -15.61 -8.58 8.57
C MET C 255 -15.46 -7.91 7.19
N LYS C 256 -14.69 -6.82 7.14
CA LYS C 256 -14.48 -6.06 5.90
C LYS C 256 -13.55 -4.87 6.13
N ASN C 259 -12.92 -2.35 1.49
CA ASN C 259 -13.12 -2.33 2.94
C ASN C 259 -13.69 -1.00 3.42
N VAL C 260 -13.91 -0.91 4.73
CA VAL C 260 -14.32 0.32 5.40
C VAL C 260 -13.17 0.98 6.20
N VAL C 261 -11.96 0.41 6.12
CA VAL C 261 -10.79 0.97 6.80
C VAL C 261 -10.14 2.05 5.91
N PRO C 262 -9.76 3.20 6.49
CA PRO C 262 -9.10 4.24 5.69
C PRO C 262 -7.74 3.83 5.12
N SER C 263 -7.64 3.83 3.78
CA SER C 263 -6.37 3.64 3.07
C SER C 263 -5.43 4.84 3.18
N TYR C 264 -4.20 4.64 2.70
CA TYR C 264 -3.19 5.68 2.59
C TYR C 264 -3.64 6.80 1.67
N ASP C 265 -4.15 6.41 0.50
CA ASP C 265 -4.62 7.36 -0.52
C ASP C 265 -5.77 8.22 -0.01
N LEU C 266 -6.72 7.59 0.67
CA LEU C 266 -7.86 8.31 1.28
C LEU C 266 -7.41 9.36 2.29
N LEU C 267 -6.50 8.97 3.19
CA LEU C 267 -5.97 9.88 4.21
C LEU C 267 -5.14 11.04 3.60
N LEU C 268 -4.39 10.74 2.54
CA LEU C 268 -3.61 11.76 1.82
C LEU C 268 -4.49 12.74 1.04
N GLU C 269 -5.61 12.26 0.52
CA GLU C 269 -6.61 13.12 -0.11
C GLU C 269 -7.23 14.09 0.90
N MET C 270 -7.65 13.54 2.05
CA MET C 270 -8.29 14.35 3.10
C MET C 270 -7.35 15.40 3.70
N LEU C 271 -6.08 15.04 3.90
CA LEU C 271 -5.07 15.95 4.46
C LEU C 271 -4.82 17.20 3.61
N ASP C 272 -4.80 17.04 2.29
CA ASP C 272 -4.59 18.17 1.35
C ASP C 272 -5.68 19.24 1.43
N ALA C 273 -6.91 18.83 1.75
CA ALA C 273 -8.04 19.76 1.94
C ALA C 273 -7.84 20.53 3.23
N LEU D 33 8.74 -8.67 49.92
CA LEU D 33 10.16 -8.15 49.99
C LEU D 33 10.53 -7.17 48.88
N ALA D 34 9.82 -7.23 47.73
CA ALA D 34 10.13 -6.39 46.57
C ALA D 34 9.85 -4.89 46.78
N LEU D 35 8.86 -4.58 47.62
CA LEU D 35 8.50 -3.18 47.94
C LEU D 35 9.51 -2.50 48.89
N SER D 36 10.29 -3.30 49.62
CA SER D 36 11.31 -2.78 50.54
C SER D 36 12.70 -2.61 49.91
N LEU D 37 12.88 -3.08 48.68
CA LEU D 37 14.19 -3.00 48.02
C LEU D 37 14.53 -1.56 47.64
N THR D 38 15.81 -1.21 47.67
CA THR D 38 16.30 0.06 47.16
C THR D 38 16.46 -0.05 45.64
N ALA D 39 16.74 1.08 44.98
CA ALA D 39 16.99 1.11 43.55
C ALA D 39 18.16 0.22 43.14
N ASP D 40 19.26 0.30 43.89
CA ASP D 40 20.46 -0.52 43.63
C ASP D 40 20.23 -2.02 43.87
N GLN D 41 19.41 -2.36 44.87
CA GLN D 41 19.06 -3.76 45.14
C GLN D 41 18.14 -4.34 44.05
N MET D 42 17.25 -3.52 43.50
CA MET D 42 16.40 -3.92 42.39
C MET D 42 17.26 -4.25 41.17
N VAL D 43 18.21 -3.37 40.86
CA VAL D 43 19.10 -3.54 39.70
C VAL D 43 19.92 -4.83 39.85
N SER D 44 20.56 -4.99 41.02
CA SER D 44 21.39 -6.17 41.32
C SER D 44 20.63 -7.49 41.15
N ALA D 45 19.39 -7.52 41.65
CA ALA D 45 18.54 -8.70 41.52
C ALA D 45 18.13 -8.99 40.07
N LEU D 46 17.78 -7.94 39.32
CA LEU D 46 17.42 -8.11 37.90
C LEU D 46 18.62 -8.55 37.04
N LEU D 47 19.79 -7.98 37.32
CA LEU D 47 21.04 -8.38 36.66
C LEU D 47 21.43 -9.82 36.97
N ASP D 48 21.27 -10.24 38.23
CA ASP D 48 21.47 -11.63 38.64
C ASP D 48 20.50 -12.62 38.00
N ALA D 49 19.25 -12.19 37.78
CA ALA D 49 18.21 -13.03 37.15
C ALA D 49 18.40 -13.22 35.64
N GLU D 50 19.18 -12.34 35.01
CA GLU D 50 19.35 -12.34 33.56
C GLU D 50 19.72 -13.71 32.98
N PRO D 51 18.95 -14.21 31.98
CA PRO D 51 19.25 -15.52 31.41
C PRO D 51 20.50 -15.51 30.53
N PRO D 52 21.07 -16.69 30.25
CA PRO D 52 22.26 -16.77 29.40
C PRO D 52 21.94 -16.60 27.91
N ILE D 53 22.93 -16.16 27.15
CA ILE D 53 22.81 -16.09 25.69
C ILE D 53 23.05 -17.50 25.14
N LEU D 54 22.12 -17.97 24.30
CA LEU D 54 22.18 -19.33 23.74
C LEU D 54 22.63 -19.32 22.28
N TYR D 55 23.04 -20.50 21.81
CA TYR D 55 23.46 -20.73 20.43
C TYR D 55 22.37 -21.49 19.68
N SER D 56 22.30 -21.28 18.35
CA SER D 56 21.46 -22.12 17.48
C SER D 56 22.16 -23.48 17.27
N GLU D 57 21.37 -24.51 16.97
CA GLU D 57 21.85 -25.88 16.99
C GLU D 57 22.13 -26.05 15.51
N TYR D 58 23.34 -25.71 15.09
CA TYR D 58 23.88 -26.16 13.77
C TYR D 58 25.36 -25.79 13.65
N SER D 68 13.56 -24.61 7.01
CA SER D 68 14.81 -24.83 7.73
C SER D 68 15.21 -23.64 8.60
N MET D 69 15.00 -22.43 8.09
CA MET D 69 15.26 -21.22 8.86
C MET D 69 14.26 -21.09 10.02
N MET D 70 12.99 -21.37 9.75
CA MET D 70 11.95 -21.36 10.79
C MET D 70 12.16 -22.45 11.85
N GLY D 71 12.65 -23.62 11.42
CA GLY D 71 13.00 -24.70 12.35
C GLY D 71 14.10 -24.33 13.34
N LEU D 72 15.17 -23.72 12.83
CA LEU D 72 16.28 -23.27 13.67
C LEU D 72 15.87 -22.14 14.63
N LEU D 73 15.07 -21.20 14.12
CA LEU D 73 14.58 -20.10 14.95
C LEU D 73 13.59 -20.58 16.01
N THR D 74 12.73 -21.53 15.65
CA THR D 74 11.76 -22.12 16.58
C THR D 74 12.44 -22.94 17.68
N ASN D 75 13.47 -23.71 17.30
CA ASN D 75 14.28 -24.47 18.26
C ASN D 75 14.92 -23.53 19.30
N LEU D 76 15.50 -22.43 18.80
CA LEU D 76 16.12 -21.41 19.63
C LEU D 76 15.12 -20.72 20.57
N ALA D 77 14.00 -20.31 20.02
CA ALA D 77 12.94 -19.64 20.79
C ALA D 77 12.38 -20.49 21.93
N ASP D 78 12.16 -21.78 21.65
CA ASP D 78 11.69 -22.76 22.65
C ASP D 78 12.68 -22.95 23.80
N ARG D 79 13.97 -23.04 23.46
CA ARG D 79 15.02 -23.16 24.48
C ARG D 79 15.13 -21.91 25.35
N GLU D 80 15.03 -20.73 24.73
N GLU D 80 15.03 -20.73 24.73
CA GLU D 80 15.01 -19.48 25.48
CA GLU D 80 15.01 -19.47 25.45
C GLU D 80 13.80 -19.34 26.42
C GLU D 80 13.81 -19.34 26.40
N LEU D 81 12.67 -19.91 26.00
CA LEU D 81 11.43 -19.86 26.81
C LEU D 81 11.55 -20.59 28.15
N VAL D 82 12.36 -21.66 28.18
CA VAL D 82 12.63 -22.37 29.43
C VAL D 82 13.42 -21.47 30.38
N HIS D 83 14.40 -20.74 29.85
CA HIS D 83 15.18 -19.79 30.66
C HIS D 83 14.39 -18.55 31.09
N MET D 84 13.40 -18.16 30.28
CA MET D 84 12.52 -17.04 30.61
C MET D 84 11.62 -17.33 31.82
N ILE D 85 11.08 -18.54 31.90
CA ILE D 85 10.25 -18.96 33.04
C ILE D 85 11.05 -18.81 34.35
N ASN D 86 12.28 -19.29 34.33
CA ASN D 86 13.17 -19.19 35.49
C ASN D 86 13.59 -17.75 35.78
N TRP D 87 13.79 -16.94 34.74
CA TRP D 87 14.04 -15.51 34.92
C TRP D 87 12.86 -14.80 35.59
N ALA D 88 11.65 -15.12 35.13
CA ALA D 88 10.42 -14.49 35.64
C ALA D 88 10.21 -14.74 37.13
N LYS D 89 10.51 -15.97 37.57
CA LYS D 89 10.41 -16.32 38.99
C LYS D 89 11.37 -15.52 39.89
N ARG D 90 12.45 -14.99 39.31
CA ARG D 90 13.43 -14.16 40.04
C ARG D 90 13.25 -12.65 39.85
N VAL D 91 12.16 -12.22 39.20
CA VAL D 91 11.80 -10.80 39.11
C VAL D 91 11.08 -10.46 40.43
N PRO D 92 11.60 -9.51 41.23
CA PRO D 92 10.95 -9.19 42.50
C PRO D 92 9.50 -8.72 42.33
N GLY D 93 8.59 -9.36 43.07
CA GLY D 93 7.15 -9.10 42.96
C GLY D 93 6.37 -10.20 42.27
N PHE D 94 7.00 -10.85 41.28
CA PHE D 94 6.33 -11.84 40.43
C PHE D 94 5.94 -13.12 41.15
N VAL D 95 6.84 -13.59 42.03
CA VAL D 95 6.61 -14.83 42.77
C VAL D 95 5.53 -14.70 43.86
N ASP D 96 5.27 -13.46 44.31
CA ASP D 96 4.18 -13.19 45.28
C ASP D 96 2.79 -13.43 44.71
N LEU D 97 2.65 -13.34 43.38
CA LEU D 97 1.37 -13.55 42.71
C LEU D 97 0.99 -15.02 42.70
N THR D 98 -0.29 -15.29 42.44
CA THR D 98 -0.78 -16.66 42.29
C THR D 98 -0.22 -17.29 41.03
N SER D 99 -0.21 -18.63 41.00
CA SER D 99 0.29 -19.37 39.82
C SER D 99 -0.54 -19.10 38.57
N HIS D 100 -1.86 -18.94 38.73
CA HIS D 100 -2.73 -18.57 37.61
C HIS D 100 -2.32 -17.22 37.01
N ASP D 101 -2.10 -16.22 37.86
CA ASP D 101 -1.71 -14.88 37.41
C ASP D 101 -0.30 -14.83 36.83
N GLN D 102 0.62 -15.64 37.35
CA GLN D 102 1.96 -15.75 36.76
C GLN D 102 1.90 -16.29 35.33
N VAL D 103 1.06 -17.31 35.12
CA VAL D 103 0.87 -17.89 33.78
C VAL D 103 0.26 -16.85 32.81
N HIS D 104 -0.72 -16.08 33.30
CA HIS D 104 -1.38 -15.06 32.49
C HIS D 104 -0.42 -13.96 32.03
N LEU D 105 0.40 -13.45 32.95
CA LEU D 105 1.40 -12.43 32.61
C LEU D 105 2.39 -12.96 31.57
N LEU D 106 2.85 -14.19 31.74
CA LEU D 106 3.80 -14.81 30.80
C LEU D 106 3.17 -15.13 29.45
N GLU D 107 1.92 -15.60 29.46
CA GLU D 107 1.16 -15.82 28.22
C GLU D 107 1.04 -14.56 27.38
N CYS D 108 0.78 -13.43 28.03
CA CYS D 108 0.66 -12.14 27.34
C CYS D 108 2.01 -11.57 26.89
N ALA D 109 3.09 -11.85 27.62
CA ALA D 109 4.36 -11.15 27.46
C ALA D 109 5.50 -11.90 26.76
N TRP D 110 5.38 -13.22 26.60
CA TRP D 110 6.53 -14.05 26.17
C TRP D 110 7.22 -13.59 24.86
N LEU D 111 6.43 -13.21 23.85
CA LEU D 111 6.98 -12.78 22.57
C LEU D 111 7.60 -11.36 22.65
N GLU D 112 6.95 -10.46 23.41
CA GLU D 112 7.55 -9.17 23.69
C GLU D 112 8.92 -9.33 24.38
N ILE D 113 8.98 -10.22 25.37
CA ILE D 113 10.23 -10.50 26.10
C ILE D 113 11.30 -11.10 25.18
N LEU D 114 10.93 -12.08 24.36
CA LEU D 114 11.85 -12.63 23.33
C LEU D 114 12.39 -11.54 22.41
N MET D 115 11.50 -10.63 22.01
CA MET D 115 11.84 -9.56 21.08
C MET D 115 12.74 -8.47 21.65
N ILE D 116 12.50 -8.02 22.89
CA ILE D 116 13.38 -7.03 23.50
C ILE D 116 14.76 -7.62 23.78
N GLY D 117 14.83 -8.90 24.14
CA GLY D 117 16.11 -9.61 24.26
C GLY D 117 16.93 -9.61 22.95
N LEU D 118 16.27 -10.00 21.87
CA LEU D 118 16.86 -10.02 20.52
C LEU D 118 17.38 -8.64 20.12
N VAL D 119 16.51 -7.65 20.25
CA VAL D 119 16.82 -6.27 19.90
C VAL D 119 18.00 -5.71 20.71
N TRP D 120 18.05 -6.02 22.00
CA TRP D 120 19.16 -5.65 22.89
C TRP D 120 20.51 -6.22 22.44
N ARG D 121 20.57 -7.53 22.19
CA ARG D 121 21.84 -8.14 21.76
C ARG D 121 22.22 -7.84 20.30
N SER D 122 21.32 -7.25 19.52
CA SER D 122 21.60 -6.79 18.17
C SER D 122 22.08 -5.33 18.08
N MET D 123 22.07 -4.59 19.19
CA MET D 123 22.44 -3.16 19.23
C MET D 123 23.77 -2.85 18.56
N GLU D 124 24.76 -3.68 18.84
CA GLU D 124 26.12 -3.48 18.35
C GLU D 124 26.36 -4.05 16.93
N HIS D 125 25.29 -4.48 16.24
CA HIS D 125 25.37 -4.98 14.86
C HIS D 125 24.30 -4.29 13.97
N PRO D 126 24.52 -3.00 13.63
CA PRO D 126 23.62 -2.23 12.76
C PRO D 126 23.27 -2.96 11.45
N GLY D 127 21.97 -2.97 11.11
CA GLY D 127 21.47 -3.69 9.94
C GLY D 127 21.40 -5.21 10.08
N LYS D 128 21.61 -5.74 11.28
CA LYS D 128 21.61 -7.19 11.52
C LYS D 128 20.91 -7.55 12.85
N LEU D 129 20.33 -8.74 12.89
CA LEU D 129 19.73 -9.29 14.09
C LEU D 129 20.58 -10.45 14.59
N LEU D 130 21.03 -10.37 15.84
CA LEU D 130 21.85 -11.42 16.46
C LEU D 130 20.90 -12.35 17.21
N PHE D 131 20.33 -13.30 16.46
CA PHE D 131 19.46 -14.32 17.05
C PHE D 131 20.25 -15.17 18.03
N ALA D 132 21.45 -15.56 17.60
CA ALA D 132 22.46 -16.18 18.45
C ALA D 132 23.85 -15.71 18.00
N PRO D 133 24.92 -15.98 18.80
CA PRO D 133 26.27 -15.63 18.37
C PRO D 133 26.71 -16.34 17.09
N ASN D 134 26.15 -17.52 16.83
CA ASN D 134 26.38 -18.27 15.58
C ASN D 134 25.22 -18.13 14.58
N LEU D 135 24.42 -17.07 14.69
CA LEU D 135 23.26 -16.86 13.83
C LEU D 135 22.93 -15.37 13.73
N LEU D 136 23.84 -14.64 13.07
CA LEU D 136 23.68 -13.21 12.81
C LEU D 136 23.06 -13.05 11.42
N LEU D 137 21.85 -12.50 11.36
CA LEU D 137 21.08 -12.40 10.13
C LEU D 137 20.83 -10.94 9.75
N ASP D 138 21.12 -10.60 8.49
CA ASP D 138 20.77 -9.29 7.93
C ASP D 138 19.35 -9.27 7.37
N ARG D 139 18.88 -8.08 6.99
CA ARG D 139 17.54 -7.88 6.41
C ARG D 139 17.21 -8.80 5.23
N ASN D 140 18.18 -9.02 4.34
CA ASN D 140 17.96 -9.80 3.12
C ASN D 140 17.65 -11.28 3.38
N GLN D 141 18.22 -11.84 4.45
CA GLN D 141 17.94 -13.22 4.85
C GLN D 141 16.56 -13.39 5.49
N GLY D 142 15.97 -12.30 5.97
CA GLY D 142 14.57 -12.27 6.41
C GLY D 142 13.57 -12.54 5.27
N LYS D 143 13.94 -12.16 4.05
CA LYS D 143 13.12 -12.42 2.86
C LYS D 143 12.92 -13.91 2.56
N CYS D 144 13.82 -14.76 3.03
CA CYS D 144 13.73 -16.24 2.89
C CYS D 144 12.43 -16.84 3.43
N VAL D 145 11.88 -16.25 4.49
CA VAL D 145 10.65 -16.77 5.12
C VAL D 145 9.31 -16.46 4.39
N GLU D 146 8.89 -15.19 4.30
CA GLU D 146 7.69 -14.79 3.56
C GLU D 146 7.29 -13.41 4.03
N GLY D 147 6.36 -13.33 4.99
CA GLY D 147 6.04 -12.08 5.68
C GLY D 147 6.93 -11.73 6.86
N MET D 148 8.06 -12.40 7.01
CA MET D 148 9.02 -12.10 8.07
C MET D 148 9.72 -10.76 7.88
N VAL D 149 10.02 -10.39 6.63
CA VAL D 149 10.82 -9.17 6.35
C VAL D 149 10.24 -7.89 6.97
N GLU D 150 8.91 -7.80 7.04
CA GLU D 150 8.24 -6.66 7.67
C GLU D 150 8.52 -6.58 9.16
N ILE D 151 8.52 -7.75 9.80
CA ILE D 151 8.80 -7.86 11.23
C ILE D 151 10.30 -7.64 11.50
N PHE D 152 11.14 -8.24 10.65
CA PHE D 152 12.58 -7.97 10.63
C PHE D 152 12.90 -6.48 10.69
N ASP D 153 12.28 -5.70 9.78
CA ASP D 153 12.50 -4.25 9.68
C ASP D 153 12.15 -3.51 10.97
N MET D 154 11.00 -3.87 11.54
CA MET D 154 10.57 -3.29 12.81
C MET D 154 11.56 -3.58 13.94
N LEU D 155 12.07 -4.81 14.00
CA LEU D 155 13.06 -5.18 15.02
C LEU D 155 14.36 -4.40 14.86
N LEU D 156 14.82 -4.23 13.61
CA LEU D 156 16.00 -3.41 13.32
C LEU D 156 15.84 -1.93 13.70
N ALA D 157 14.67 -1.36 13.44
CA ALA D 157 14.38 0.03 13.79
C ALA D 157 14.45 0.25 15.30
N THR D 158 13.88 -0.70 16.05
CA THR D 158 13.92 -0.67 17.50
C THR D 158 15.34 -0.79 18.06
N SER D 159 16.13 -1.66 17.45
CA SER D 159 17.53 -1.83 17.82
C SER D 159 18.30 -0.55 17.60
N SER D 160 18.14 0.01 16.39
CA SER D 160 18.71 1.32 16.03
C SER D 160 18.30 2.43 16.98
N ARG D 161 17.03 2.41 17.40
CA ARG D 161 16.52 3.39 18.37
C ARG D 161 17.17 3.24 19.75
N PHE D 162 17.39 2.00 20.21
CA PHE D 162 18.13 1.76 21.46
C PHE D 162 19.60 2.18 21.35
N ARG D 163 20.20 2.01 20.16
CA ARG D 163 21.57 2.46 19.90
C ARG D 163 21.69 3.98 19.98
N MET D 164 20.74 4.70 19.38
N MET D 164 20.76 4.73 19.39
CA MET D 164 20.70 6.16 19.43
CA MET D 164 20.79 6.20 19.44
C MET D 164 20.49 6.73 20.83
C MET D 164 20.44 6.78 20.82
N MET D 165 19.69 6.04 21.65
CA MET D 165 19.46 6.42 23.06
C MET D 165 20.60 5.99 24.02
N ASN D 166 21.54 5.18 23.54
CA ASN D 166 22.63 4.64 24.36
C ASN D 166 22.07 3.89 25.56
N LEU D 167 21.14 2.97 25.28
CA LEU D 167 20.44 2.22 26.31
C LEU D 167 21.44 1.37 27.08
N GLN D 168 21.32 1.39 28.40
CA GLN D 168 22.24 0.70 29.28
C GLN D 168 21.63 -0.62 29.70
N GLY D 169 22.50 -1.56 30.06
CA GLY D 169 22.09 -2.89 30.55
C GLY D 169 21.18 -2.82 31.77
N GLU D 170 21.45 -1.86 32.65
CA GLU D 170 20.64 -1.67 33.87
C GLU D 170 19.23 -1.20 33.50
N GLU D 171 19.13 -0.32 32.50
CA GLU D 171 17.85 0.14 31.97
C GLU D 171 17.11 -0.97 31.24
N PHE D 172 17.86 -1.77 30.48
CA PHE D 172 17.31 -2.91 29.75
C PHE D 172 16.54 -3.89 30.65
N VAL D 173 17.19 -4.34 31.71
CA VAL D 173 16.56 -5.28 32.65
C VAL D 173 15.31 -4.73 33.34
N CYS D 174 15.30 -3.43 33.59
CA CYS D 174 14.11 -2.76 34.13
C CYS D 174 12.96 -2.79 33.11
N LEU D 175 13.27 -2.51 31.86
CA LEU D 175 12.28 -2.52 30.79
C LEU D 175 11.67 -3.88 30.56
N LYS D 176 12.51 -4.92 30.63
CA LYS D 176 12.06 -6.30 30.50
C LYS D 176 11.06 -6.73 31.57
N SER D 177 11.37 -6.38 32.81
CA SER D 177 10.47 -6.63 33.93
C SER D 177 9.16 -5.85 33.81
N ILE D 178 9.24 -4.62 33.32
CA ILE D 178 8.04 -3.83 33.07
C ILE D 178 7.12 -4.57 32.12
N ILE D 179 7.68 -5.05 31.01
CA ILE D 179 6.93 -5.80 29.99
C ILE D 179 6.19 -6.98 30.62
N LEU D 180 6.91 -7.77 31.41
CA LEU D 180 6.34 -8.92 32.09
C LEU D 180 5.16 -8.52 32.97
N LEU D 181 5.36 -7.50 33.78
CA LEU D 181 4.36 -7.08 34.76
C LEU D 181 3.22 -6.28 34.13
N ASN D 182 3.51 -5.48 33.10
CA ASN D 182 2.51 -4.57 32.50
C ASN D 182 1.59 -5.21 31.45
N SER D 183 2.10 -6.16 30.68
CA SER D 183 1.42 -6.57 29.46
C SER D 183 0.09 -7.29 29.65
N GLY D 184 -0.03 -8.04 30.75
CA GLY D 184 -1.25 -8.78 31.07
C GLY D 184 -2.10 -8.20 32.18
N VAL D 185 -1.74 -7.06 32.77
CA VAL D 185 -2.53 -6.48 33.89
C VAL D 185 -3.98 -6.07 33.51
N TYR D 186 -4.17 -5.62 32.27
CA TYR D 186 -5.45 -5.04 31.86
C TYR D 186 -6.54 -6.08 31.56
N THR D 187 -6.15 -7.23 31.03
CA THR D 187 -7.11 -8.26 30.57
C THR D 187 -7.66 -9.11 31.72
N LYS D 194 -9.25 -10.87 45.86
CA LYS D 194 -7.97 -11.50 45.51
C LYS D 194 -7.31 -10.80 44.33
N SER D 195 -8.02 -10.72 43.21
CA SER D 195 -7.50 -10.10 41.98
C SER D 195 -7.24 -8.60 42.11
N LEU D 196 -8.05 -7.92 42.93
CA LEU D 196 -7.88 -6.49 43.21
C LEU D 196 -6.62 -6.22 44.03
N GLU D 197 -6.34 -7.08 45.00
CA GLU D 197 -5.09 -7.01 45.77
C GLU D 197 -3.85 -7.38 44.94
N GLU D 198 -4.02 -8.35 44.02
CA GLU D 198 -2.96 -8.74 43.09
C GLU D 198 -2.66 -7.62 42.06
N LYS D 199 -3.69 -6.92 41.61
CA LYS D 199 -3.54 -5.82 40.65
C LYS D 199 -2.78 -4.63 41.24
N ASP D 200 -3.15 -4.22 42.45
CA ASP D 200 -2.47 -3.09 43.11
C ASP D 200 -1.03 -3.42 43.52
N HIS D 201 -0.78 -4.69 43.88
CA HIS D 201 0.58 -5.18 44.11
C HIS D 201 1.45 -5.01 42.87
N ILE D 202 0.93 -5.42 41.71
CA ILE D 202 1.62 -5.24 40.43
C ILE D 202 1.90 -3.75 40.15
N HIS D 203 0.91 -2.90 40.41
CA HIS D 203 1.07 -1.46 40.19
C HIS D 203 2.15 -0.82 41.10
N ARG D 204 2.25 -1.29 42.34
CA ARG D 204 3.30 -0.84 43.25
C ARG D 204 4.70 -1.31 42.82
N VAL D 205 4.81 -2.56 42.37
CA VAL D 205 6.09 -3.06 41.82
C VAL D 205 6.53 -2.22 40.62
N LEU D 206 5.60 -1.93 39.71
CA LEU D 206 5.86 -1.04 38.56
C LEU D 206 6.30 0.37 38.97
N ASP D 207 5.70 0.92 40.04
CA ASP D 207 6.17 2.18 40.63
C ASP D 207 7.61 2.09 41.13
N LYS D 208 7.96 0.97 41.76
CA LYS D 208 9.34 0.76 42.22
C LYS D 208 10.35 0.65 41.07
N ILE D 209 9.96 0.00 39.97
CA ILE D 209 10.83 -0.09 38.79
C ILE D 209 11.01 1.29 38.14
N THR D 210 9.95 2.10 38.12
CA THR D 210 10.05 3.50 37.68
C THR D 210 11.06 4.28 38.52
N ASP D 211 10.91 4.22 39.85
CA ASP D 211 11.86 4.84 40.79
C ASP D 211 13.30 4.42 40.49
N THR D 212 13.50 3.12 40.31
CA THR D 212 14.79 2.55 39.95
C THR D 212 15.33 3.16 38.65
N LEU D 213 14.48 3.26 37.64
CA LEU D 213 14.88 3.88 36.36
C LEU D 213 15.33 5.33 36.54
N ILE D 214 14.58 6.10 37.34
CA ILE D 214 14.92 7.51 37.60
C ILE D 214 16.27 7.59 38.35
N HIS D 215 16.46 6.72 39.35
CA HIS D 215 17.69 6.69 40.13
C HIS D 215 18.95 6.43 39.28
N LEU D 216 18.85 5.48 38.36
CA LEU D 216 19.95 5.17 37.42
C LEU D 216 20.31 6.39 36.57
N MET D 217 19.29 7.12 36.13
CA MET D 217 19.48 8.35 35.34
C MET D 217 20.06 9.50 36.16
N ALA D 218 19.62 9.64 37.42
CA ALA D 218 20.16 10.64 38.34
C ALA D 218 21.61 10.32 38.73
N LYS D 219 21.88 9.05 39.01
CA LYS D 219 23.24 8.56 39.26
C LYS D 219 24.15 8.71 38.03
N ALA D 220 23.59 8.52 36.84
CA ALA D 220 24.32 8.75 35.57
C ALA D 220 24.63 10.24 35.31
N GLY D 221 23.90 11.13 35.99
CA GLY D 221 24.18 12.56 35.97
C GLY D 221 23.16 13.43 35.24
N LEU D 222 22.05 12.84 34.79
CA LEU D 222 21.06 13.57 34.00
C LEU D 222 20.26 14.51 34.90
N THR D 223 19.89 15.68 34.36
CA THR D 223 19.05 16.63 35.08
C THR D 223 17.63 16.10 35.22
N LEU D 224 16.89 16.65 36.17
CA LEU D 224 15.48 16.25 36.41
C LEU D 224 14.61 16.30 35.14
N GLN D 225 14.85 17.33 34.32
CA GLN D 225 14.16 17.45 33.02
C GLN D 225 14.54 16.31 32.08
N GLN D 226 15.85 16.07 31.94
CA GLN D 226 16.36 14.97 31.12
C GLN D 226 15.92 13.59 31.61
N GLN D 227 15.74 13.45 32.93
CA GLN D 227 15.31 12.19 33.54
C GLN D 227 13.89 11.82 33.16
N HIS D 228 12.97 12.78 33.23
CA HIS D 228 11.56 12.50 32.93
C HIS D 228 11.37 12.30 31.40
N GLN D 229 12.16 13.00 30.59
CA GLN D 229 12.12 12.84 29.13
C GLN D 229 12.62 11.47 28.66
N ARG D 230 13.74 11.03 29.24
CA ARG D 230 14.30 9.72 28.92
C ARG D 230 13.38 8.59 29.39
N LEU D 231 12.85 8.71 30.60
CA LEU D 231 11.84 7.77 31.13
C LEU D 231 10.66 7.60 30.17
N ALA D 232 10.14 8.71 29.66
CA ALA D 232 9.03 8.67 28.71
C ALA D 232 9.44 8.04 27.37
N GLN D 233 10.62 8.38 26.89
CA GLN D 233 11.17 7.84 25.64
C GLN D 233 11.28 6.30 25.70
N LEU D 234 11.79 5.79 26.82
CA LEU D 234 11.93 4.34 27.01
C LEU D 234 10.58 3.63 27.08
N LEU D 235 9.62 4.24 27.77
CA LEU D 235 8.30 3.68 27.90
C LEU D 235 7.46 3.75 26.63
N LEU D 236 7.64 4.80 25.83
CA LEU D 236 6.99 4.89 24.51
C LEU D 236 7.44 3.82 23.53
N ILE D 237 8.72 3.46 23.59
CA ILE D 237 9.28 2.36 22.81
C ILE D 237 8.55 1.04 23.11
N LEU D 238 8.07 0.87 24.35
CA LEU D 238 7.33 -0.33 24.73
C LEU D 238 6.00 -0.49 24.00
N SER D 239 5.38 0.60 23.56
CA SER D 239 4.18 0.50 22.71
C SER D 239 4.52 -0.11 21.33
N HIS D 240 5.66 0.26 20.77
CA HIS D 240 6.13 -0.32 19.49
C HIS D 240 6.48 -1.80 19.65
N ILE D 241 7.03 -2.15 20.80
CA ILE D 241 7.33 -3.56 21.14
C ILE D 241 6.06 -4.39 21.25
N ARG D 242 5.01 -3.82 21.81
CA ARG D 242 3.70 -4.47 21.84
C ARG D 242 3.16 -4.66 20.44
N HIS D 243 3.25 -3.62 19.61
CA HIS D 243 2.82 -3.67 18.21
C HIS D 243 3.53 -4.78 17.45
N MET D 244 4.86 -4.80 17.54
CA MET D 244 5.69 -5.83 16.92
C MET D 244 5.32 -7.24 17.39
N SER D 245 5.01 -7.36 18.68
CA SER D 245 4.61 -8.63 19.28
C SER D 245 3.25 -9.11 18.74
N ASN D 246 2.32 -8.19 18.51
CA ASN D 246 1.02 -8.54 17.92
C ASN D 246 1.15 -8.89 16.44
N LYS D 247 1.98 -8.16 15.70
CA LYS D 247 2.30 -8.50 14.32
C LYS D 247 3.01 -9.86 14.27
N GLY D 248 3.95 -10.08 15.19
CA GLY D 248 4.65 -11.35 15.33
C GLY D 248 3.75 -12.54 15.50
N MET D 249 2.76 -12.42 16.39
CA MET D 249 1.77 -13.47 16.63
C MET D 249 0.96 -13.80 15.40
N GLU D 250 0.42 -12.75 14.76
CA GLU D 250 -0.33 -12.91 13.52
C GLU D 250 0.51 -13.66 12.48
N HIS D 251 1.78 -13.26 12.35
CA HIS D 251 2.69 -13.91 11.41
C HIS D 251 2.98 -15.38 11.76
N LEU D 252 3.16 -15.65 13.05
CA LEU D 252 3.37 -17.03 13.54
C LEU D 252 2.17 -17.94 13.34
N TYR D 253 0.96 -17.42 13.57
CA TYR D 253 -0.28 -18.19 13.35
C TYR D 253 -0.58 -18.43 11.87
N SER D 254 -0.14 -17.52 11.00
CA SER D 254 -0.22 -17.74 9.55
C SER D 254 0.55 -18.98 9.06
N MET D 255 1.60 -19.37 9.76
CA MET D 255 2.39 -20.58 9.45
C MET D 255 1.98 -21.77 10.30
N VAL D 261 2.93 -22.27 19.14
CA VAL D 261 2.92 -21.16 20.11
C VAL D 261 2.63 -21.73 21.51
N PRO D 262 3.37 -21.25 22.55
CA PRO D 262 3.04 -21.69 23.93
C PRO D 262 1.64 -21.22 24.40
N SER D 263 0.76 -22.17 24.70
CA SER D 263 -0.68 -21.91 24.73
C SER D 263 -1.14 -21.27 26.02
N TYR D 264 -0.96 -21.99 27.13
CA TYR D 264 -1.39 -21.58 28.48
C TYR D 264 -1.28 -22.75 29.45
N ASP D 265 -1.79 -23.91 29.05
CA ASP D 265 -1.50 -25.20 29.72
C ASP D 265 0.00 -25.50 29.72
N LEU D 266 0.65 -25.28 28.57
CA LEU D 266 2.10 -25.45 28.43
C LEU D 266 2.89 -24.59 29.43
N LEU D 267 2.55 -23.30 29.49
CA LEU D 267 3.19 -22.36 30.41
C LEU D 267 2.93 -22.68 31.89
N LEU D 268 1.73 -23.15 32.20
CA LEU D 268 1.39 -23.59 33.57
C LEU D 268 2.12 -24.86 33.99
N GLU D 269 2.34 -25.76 33.03
CA GLU D 269 3.16 -26.96 33.27
C GLU D 269 4.62 -26.58 33.58
N MET D 270 5.19 -25.71 32.74
CA MET D 270 6.58 -25.28 32.89
C MET D 270 6.83 -24.51 34.20
N LEU D 271 5.89 -23.65 34.58
CA LEU D 271 5.99 -22.84 35.81
C LEU D 271 6.07 -23.68 37.09
N ASP D 272 5.29 -24.75 37.16
CA ASP D 272 5.28 -25.66 38.33
C ASP D 272 6.62 -26.34 38.60
N ALA D 273 7.40 -26.58 37.54
CA ALA D 273 8.67 -27.36 37.54
C ALA D 273 9.09 -28.15 38.78
C1 G9J E . 11.85 -7.08 -18.71
C2 G9J E . 12.87 -7.43 -17.64
C3 G9J E . 12.69 -8.50 -16.78
C4 G9J E . 13.72 -8.81 -15.72
O5 G9J E . 15.01 -8.30 -16.06
C6 G9J E . 15.14 -7.09 -16.67
C7 G9J E . 14.08 -6.59 -17.48
C8 G9J E . 14.26 -5.35 -18.11
C9 G9J E . 15.44 -4.64 -17.91
C10 G9J E . 16.46 -5.16 -17.12
C11 G9J E . 16.31 -6.38 -16.49
O12 G9J E . 15.61 -3.44 -18.52
C13 G9J E . 13.37 -8.25 -14.37
C14 G9J E . 13.76 -8.95 -13.24
C15 G9J E . 13.46 -8.45 -11.98
C16 G9J E . 12.76 -7.26 -11.87
C17 G9J E . 12.36 -6.54 -12.98
C18 G9J E . 12.67 -7.04 -14.24
I19 G9J E . 12.32 -6.51 -9.96
C20 G9J E . 11.55 -9.43 -16.87
C21 G9J E . 10.53 -9.49 -15.89
C22 G9J E . 9.50 -10.42 -16.03
C23 G9J E . 9.49 -11.28 -17.12
C24 G9J E . 10.49 -11.23 -18.09
C25 G9J E . 11.53 -10.31 -17.95
O26 G9J E . 10.51 -12.05 -19.16
NI NI F . -1.84 16.86 -39.21
C4 G91 G . -18.45 -12.78 -15.94
C14 G91 G . -15.69 -7.70 -15.08
C5 G91 G . -19.01 -11.62 -15.45
C6 G91 G . -18.54 -10.38 -15.84
C11 G91 G . -17.41 -5.78 -16.15
C7 G91 G . -19.16 -9.11 -15.31
C9 G91 G . -18.19 -7.96 -15.35
C10 G91 G . -18.39 -6.91 -16.15
C12 G91 G . -16.09 -6.07 -16.81
C3 G91 G . -17.40 -12.71 -16.84
C1 G91 G . -17.48 -10.32 -16.74
C2 G91 G . -16.91 -11.48 -17.24
O13 G91 G . -15.50 -7.31 -16.39
C15 G91 G . -16.94 -8.03 -14.55
C16 G91 G . -16.99 -8.47 -13.23
C17 G91 G . -15.84 -8.60 -12.47
C18 G91 G . -14.61 -8.25 -13.02
C19 G91 G . -14.54 -7.79 -14.33
O20 G91 G . -13.48 -8.39 -12.29
C21 G91 G . -19.51 -6.93 -17.10
C22 G91 G . -19.68 -5.97 -18.10
C23 G91 G . -20.78 -6.02 -18.95
C24 G91 G . -21.72 -7.02 -18.80
C25 G91 G . -21.58 -7.98 -17.81
C26 G91 G . -20.48 -7.93 -16.98
O27 G91 G . -20.42 -8.90 -16.01
O28 G91 G . -22.81 -7.05 -19.63
O29 G91 G . -16.86 -13.86 -17.35
C30 G91 G . -17.40 -15.12 -16.91
C31 G91 G . -16.65 -16.22 -17.61
N32 G91 G . -16.89 -16.24 -19.06
C33 G91 G . -17.90 -17.23 -19.55
C34 G91 G . -16.75 -18.10 -20.13
C35 G91 G . -15.82 -16.89 -19.87
C36 G91 G . -16.47 -19.35 -19.30
F37 G91 G . -17.33 -20.39 -19.70
C1 G9J H . -16.81 -5.97 -17.04
C2 G9J H . -17.93 -6.85 -16.54
C3 G9J H . -17.77 -7.65 -15.47
C4 G9J H . -18.88 -8.54 -15.00
O5 G9J H . -20.17 -8.07 -15.40
C6 G9J H . -20.32 -7.52 -16.63
C7 G9J H . -19.23 -6.88 -17.25
C8 G9J H . -19.37 -6.31 -18.51
C9 G9J H . -20.60 -6.35 -19.14
C10 G9J H . -21.68 -6.98 -18.53
C11 G9J H . -21.54 -7.56 -17.28
O12 G9J H . -20.75 -5.80 -20.37
C13 G9J H . -18.63 -9.92 -15.53
C14 G9J H . -18.99 -11.03 -14.79
C15 G9J H . -18.76 -12.30 -15.28
C16 G9J H . -18.15 -12.46 -16.52
C17 G9J H . -17.78 -11.35 -17.25
C18 G9J H . -18.01 -10.08 -16.76
I19 G9J H . -17.78 -14.39 -17.27
C20 G9J H . -16.49 -7.69 -14.73
C21 G9J H . -15.48 -8.55 -15.18
C22 G9J H . -14.29 -8.62 -14.50
C23 G9J H . -14.09 -7.85 -13.37
C24 G9J H . -15.09 -7.00 -12.92
C25 G9J H . -16.30 -6.92 -13.59
O26 G9J H . -14.87 -6.25 -11.82
C1 GOL I . -26.04 -8.77 -34.86
O1 GOL I . -25.11 -7.68 -34.77
C2 GOL I . -27.20 -8.59 -33.87
O2 GOL I . -26.71 -8.43 -32.54
C3 GOL I . -28.05 -7.37 -34.26
O3 GOL I . -29.09 -7.78 -35.17
C1 GOL J . -6.00 -2.80 -28.13
O1 GOL J . -4.93 -3.75 -28.14
C2 GOL J . -6.11 -2.20 -26.73
O2 GOL J . -5.43 -0.96 -26.71
C3 GOL J . -7.57 -1.99 -26.39
O3 GOL J . -7.82 -1.73 -25.01
C1 G9J K . -13.40 1.70 18.68
C2 G9J K . -14.56 1.81 17.71
C3 G9J K . -14.95 0.75 16.92
C4 G9J K . -16.10 0.94 15.96
O5 G9J K . -17.01 1.97 16.36
C6 G9J K . -16.51 3.13 16.85
C7 G9J K . -15.30 3.11 17.57
C8 G9J K . -14.79 4.33 18.05
C9 G9J K . -15.51 5.51 17.84
C10 G9J K . -16.71 5.50 17.15
C11 G9J K . -17.21 4.32 16.64
O12 G9J K . -15.03 6.68 18.32
C13 G9J K . -15.58 1.16 14.56
C14 G9J K . -16.31 0.67 13.49
C15 G9J K . -15.84 0.84 12.20
C16 G9J K . -14.64 1.52 11.99
C17 G9J K . -13.89 2.01 13.05
C18 G9J K . -14.37 1.83 14.34
I19 G9J K . -13.92 1.79 10.04
C20 G9J K . -14.33 -0.59 16.85
C21 G9J K . -13.07 -0.71 16.22
C22 G9J K . -12.43 -1.94 16.08
C23 G9J K . -13.05 -3.08 16.54
C24 G9J K . -14.31 -2.99 17.16
C25 G9J K . -14.96 -1.77 17.30
O26 G9J K . -14.88 -4.13 17.60
C1 G9J L . 11.36 -12.69 17.33
C2 G9J L . 11.76 -14.10 17.02
C3 G9J L . 11.06 -14.82 16.11
C4 G9J L . 11.43 -16.25 15.79
O5 G9J L . 12.75 -16.58 16.21
C6 G9J L . 13.32 -16.01 17.28
C7 G9J L . 12.88 -14.75 17.73
C8 G9J L . 13.46 -14.16 18.84
C9 G9J L . 14.50 -14.79 19.49
C10 G9J L . 14.95 -16.03 19.05
C11 G9J L . 14.36 -16.63 17.95
O12 G9J L . 15.09 -14.21 20.58
C13 G9J L . 10.41 -17.16 16.44
C14 G9J L . 10.13 -18.39 15.89
C15 G9J L . 9.20 -19.23 16.49
C16 G9J L . 8.56 -18.82 17.66
C17 G9J L . 8.84 -17.59 18.20
C18 G9J L . 9.77 -16.76 17.60
I19 G9J L . 7.15 -20.08 18.58
C20 G9J L . 9.92 -14.23 15.41
C21 G9J L . 8.87 -13.70 16.15
C22 G9J L . 7.78 -13.16 15.52
C23 G9J L . 7.71 -13.14 14.15
C24 G9J L . 8.74 -13.67 13.40
C25 G9J L . 9.86 -14.22 14.01
O26 G9J L . 8.67 -13.65 12.05
C4 G91 M . 9.46 -19.40 17.01
C14 G91 M . 10.59 -13.34 14.61
C5 G91 M . 10.38 -18.63 16.34
C6 G91 M . 10.73 -17.37 16.79
C11 G91 M . 11.31 -12.91 17.32
C7 G91 M . 11.78 -16.54 16.09
C9 G91 M . 11.33 -15.10 16.21
C10 G91 M . 11.83 -14.32 17.18
C12 G91 M . 11.68 -11.96 16.22
C3 G91 M . 8.88 -18.92 18.17
C1 G91 M . 10.11 -16.88 17.92
C2 G91 M . 9.18 -17.64 18.61
O13 G91 M . 11.68 -12.55 14.91
C15 G91 M . 10.35 -14.55 15.24
C16 G91 M . 9.19 -15.25 14.92
C17 G91 M . 8.30 -14.75 13.99
C18 G91 M . 8.56 -13.54 13.36
C19 G91 M . 9.72 -12.82 13.66
O20 G91 M . 7.69 -13.05 12.44
C21 G91 M . 12.83 -14.85 18.10
C22 G91 M . 13.31 -14.15 19.21
C23 G91 M . 14.25 -14.71 20.05
C24 G91 M . 14.74 -15.97 19.79
C25 G91 M . 14.30 -16.69 18.69
C26 G91 M . 13.36 -16.11 17.85
O27 G91 M . 13.05 -16.83 16.71
O28 G91 M . 15.67 -16.53 20.62
O29 G91 M . 8.03 -19.62 18.99
C30 G91 M . 7.67 -20.96 18.61
C31 G91 M . 6.75 -21.50 19.69
N32 G91 M . 5.89 -22.60 19.25
C33 G91 M . 5.64 -23.69 20.23
C34 G91 M . 5.69 -24.71 19.05
C35 G91 M . 6.49 -23.60 18.32
C36 G91 M . 6.49 -25.97 19.38
F37 G91 M . 5.68 -27.10 19.16
C1 GOL N . 17.53 -17.71 34.38
O1 GOL N . 17.76 -16.81 35.47
C2 GOL N . 18.35 -19.00 34.52
O2 GOL N . 18.09 -19.85 33.41
C3 GOL N . 19.86 -18.73 34.59
O3 GOL N . 20.40 -19.27 35.79
#